data_4KCU
#
_entry.id   4KCU
#
_cell.length_a   103.370
_cell.length_b   108.270
_cell.length_c   265.190
_cell.angle_alpha   90.00
_cell.angle_beta   90.00
_cell.angle_gamma   90.00
#
_symmetry.space_group_name_H-M   'I 2 2 2'
#
loop_
_entity.id
_entity.type
_entity.pdbx_description
1 polymer 'Pyruvate kinase 1'
2 non-polymer 'MAGNESIUM ION'
3 non-polymer 'POTASSIUM ION'
4 non-polymer D-MALATE
5 non-polymer 2,6-di-O-phosphono-beta-D-fructofuranose
6 water water
#
_entity_poly.entity_id   1
_entity_poly.type   'polypeptide(L)'
_entity_poly.pdbx_seq_one_letter_code
;MSQLEHNIGLSIFEPVAKHRANRIVCTIGPSTQSVEALKNLMKSGMSVARMNFSHGSHEYHQTTINNVRAAAAELGLHIG
IALDTKGPEIRTGLFKDGEVSFAPGDIVCVTTDPAYEKVGTKEKFYIDYPQLTNAVRPGGSIYVDDGVMTLRVVSKEDDR
TLKCHVNNHHRLTDRRGINLPGCEVDLPAVSEKDRKDLEFGVAQGVDMIFASFIRTAEQVREVRAALGEKGKDILIISKI
ENHQGVQNIDSIIEASNGIMVARGDLGVEIPAEKVCVAQMCIISKCNVVGKPVICATQMLESMTSNPRPTRAEVSDVANA
VLNGADCVMLSGETAKGKYPNEVVQYMARICVEAQSATHDTVMFNSIKNLQKIPMCPEEAVCSSAVASAFEVQAKAMLVL
SNTGRSARLISKYRPNCPIICVTTRLQTCRQLNVTRSVVSVFYDAAKSGEDKDKEKRVKLGLDFAKKEKYASTGDVVVVV
HADHSVKGYPNQTRLIYLP
;
_entity_poly.pdbx_strand_id   A,B
#
# COMPACT_ATOMS: atom_id res chain seq x y z
N SER A 2 8.17 12.43 -16.27
CA SER A 2 8.59 12.03 -14.90
C SER A 2 7.39 11.48 -14.12
N GLN A 3 7.66 10.65 -13.11
CA GLN A 3 6.60 10.13 -12.27
C GLN A 3 5.85 11.30 -11.59
N LEU A 4 6.61 12.31 -11.17
CA LEU A 4 6.03 13.43 -10.50
C LEU A 4 5.07 14.21 -11.40
N GLU A 5 5.47 14.43 -12.63
CA GLU A 5 4.66 15.16 -13.56
C GLU A 5 3.44 14.33 -13.99
N HIS A 6 3.60 13.02 -14.04
CA HIS A 6 2.45 12.18 -14.29
C HIS A 6 1.44 12.28 -13.16
N ASN A 7 1.93 12.24 -11.92
CA ASN A 7 1.05 12.30 -10.76
C ASN A 7 0.22 13.58 -10.68
N ILE A 8 0.82 14.72 -10.98
CA ILE A 8 0.08 15.95 -10.74
C ILE A 8 -1.06 16.11 -11.77
N GLY A 9 -1.03 15.29 -12.82
CA GLY A 9 -2.07 15.34 -13.83
C GLY A 9 -3.20 14.32 -13.61
N LEU A 10 -3.06 13.47 -12.58
CA LEU A 10 -4.05 12.44 -12.29
C LEU A 10 -5.36 13.06 -11.84
N SER A 11 -6.46 12.40 -12.14
CA SER A 11 -7.77 12.90 -11.80
C SER A 11 -8.61 11.78 -11.26
N ILE A 12 -9.41 12.08 -10.25
CA ILE A 12 -10.40 11.13 -9.81
C ILE A 12 -11.72 11.25 -10.57
N PHE A 13 -11.82 12.18 -11.52
CA PHE A 13 -13.10 12.42 -12.24
C PHE A 13 -13.19 11.81 -13.64
N GLU A 14 -12.08 11.28 -14.14
CA GLU A 14 -12.07 10.60 -15.43
C GLU A 14 -12.65 9.19 -15.36
N PRO A 15 -13.27 8.74 -16.44
CA PRO A 15 -13.70 7.34 -16.47
C PRO A 15 -12.46 6.42 -16.34
N VAL A 16 -12.65 5.24 -15.80
CA VAL A 16 -11.57 4.26 -15.74
C VAL A 16 -11.58 3.29 -16.91
N ALA A 17 -10.49 2.56 -17.04
CA ALA A 17 -10.36 1.55 -18.06
C ALA A 17 -11.54 0.59 -17.98
N LYS A 18 -12.04 0.16 -19.15
CA LYS A 18 -13.14 -0.79 -19.20
C LYS A 18 -12.74 -2.28 -19.11
N HIS A 19 -11.47 -2.58 -19.34
CA HIS A 19 -11.02 -3.98 -19.32
C HIS A 19 -9.87 -4.18 -18.41
N ARG A 20 -10.10 -4.94 -17.37
CA ARG A 20 -9.13 -5.16 -16.36
C ARG A 20 -7.94 -5.97 -16.91
N ALA A 21 -6.75 -5.39 -16.81
CA ALA A 21 -5.52 -6.08 -17.22
C ALA A 21 -4.98 -7.11 -16.21
N ASN A 22 -5.00 -6.77 -14.92
CA ASN A 22 -4.40 -7.63 -13.92
C ASN A 22 -5.32 -8.77 -13.52
N ARG A 23 -4.74 -9.78 -12.90
CA ARG A 23 -5.42 -11.03 -12.70
C ARG A 23 -5.42 -11.43 -11.23
N ILE A 24 -6.50 -12.06 -10.79
CA ILE A 24 -6.74 -12.39 -9.37
C ILE A 24 -6.72 -13.89 -9.09
N VAL A 25 -5.86 -14.29 -8.17
CA VAL A 25 -5.79 -15.66 -7.73
C VAL A 25 -6.53 -15.76 -6.38
N CYS A 26 -7.43 -16.73 -6.27
CA CYS A 26 -8.19 -16.94 -5.02
C CYS A 26 -7.91 -18.31 -4.43
N THR A 27 -7.69 -18.36 -3.13
CA THR A 27 -7.54 -19.63 -2.44
C THR A 27 -8.91 -20.18 -2.09
N ILE A 28 -9.14 -21.44 -2.45
CA ILE A 28 -10.41 -22.12 -2.14
C ILE A 28 -10.36 -22.79 -0.77
N GLY A 29 -11.44 -22.61 0.01
CA GLY A 29 -11.66 -23.35 1.25
C GLY A 29 -13.15 -23.52 1.54
N PRO A 30 -13.52 -23.64 2.81
CA PRO A 30 -14.94 -23.81 3.27
C PRO A 30 -15.91 -22.74 2.72
N SER A 31 -15.53 -21.46 2.83
CA SER A 31 -16.36 -20.36 2.25
C SER A 31 -16.73 -20.57 0.76
N THR A 32 -15.86 -21.27 0.03
CA THR A 32 -15.83 -21.07 -1.42
C THR A 32 -15.70 -22.31 -2.27
N GLN A 33 -15.83 -23.49 -1.67
CA GLN A 33 -15.68 -24.73 -2.42
C GLN A 33 -16.89 -25.22 -3.22
N SER A 34 -18.11 -24.84 -2.84
CA SER A 34 -19.28 -25.30 -3.62
C SER A 34 -19.25 -24.78 -5.07
N VAL A 35 -19.80 -25.55 -5.99
CA VAL A 35 -19.97 -25.12 -7.38
C VAL A 35 -20.59 -23.73 -7.47
N GLU A 36 -21.60 -23.48 -6.64
CA GLU A 36 -22.25 -22.18 -6.59
C GLU A 36 -21.28 -21.04 -6.13
N ALA A 37 -20.57 -21.26 -5.01
CA ALA A 37 -19.64 -20.26 -4.51
C ALA A 37 -18.55 -19.94 -5.55
N LEU A 38 -18.05 -20.96 -6.23
CA LEU A 38 -17.04 -20.81 -7.25
C LEU A 38 -17.53 -20.03 -8.47
N LYS A 39 -18.76 -20.30 -8.89
CA LYS A 39 -19.39 -19.53 -9.94
C LYS A 39 -19.43 -18.07 -9.60
N ASN A 40 -19.73 -17.75 -8.36
CA ASN A 40 -19.77 -16.36 -7.98
C ASN A 40 -18.38 -15.75 -7.87
N LEU A 41 -17.39 -16.52 -7.45
CA LEU A 41 -16.02 -16.03 -7.43
C LEU A 41 -15.58 -15.73 -8.85
N MET A 42 -15.90 -16.62 -9.79
CA MET A 42 -15.55 -16.41 -11.16
C MET A 42 -16.23 -15.17 -11.72
N LYS A 43 -17.53 -15.03 -11.48
CA LYS A 43 -18.25 -13.85 -11.91
C LYS A 43 -17.65 -12.60 -11.28
N SER A 44 -17.17 -12.72 -10.03
CA SER A 44 -16.63 -11.56 -9.30
C SER A 44 -15.21 -11.21 -9.78
N GLY A 45 -14.52 -12.18 -10.39
CA GLY A 45 -13.26 -11.89 -11.08
C GLY A 45 -12.11 -12.85 -10.84
N MET A 46 -12.36 -13.98 -10.17
CA MET A 46 -11.31 -14.99 -10.04
C MET A 46 -10.85 -15.51 -11.40
N SER A 47 -9.53 -15.51 -11.64
CA SER A 47 -8.95 -16.19 -12.82
C SER A 47 -8.28 -17.53 -12.51
N VAL A 48 -7.77 -17.67 -11.30
CA VAL A 48 -7.05 -18.89 -10.90
C VAL A 48 -7.47 -19.33 -9.51
N ALA A 49 -7.79 -20.61 -9.37
CA ALA A 49 -8.17 -21.17 -8.12
C ALA A 49 -6.96 -21.84 -7.52
N ARG A 50 -6.60 -21.43 -6.30
CA ARG A 50 -5.44 -22.01 -5.61
C ARG A 50 -5.86 -23.08 -4.59
N MET A 51 -5.31 -24.26 -4.75
CA MET A 51 -5.49 -25.31 -3.76
C MET A 51 -4.32 -25.30 -2.80
N ASN A 52 -4.60 -25.11 -1.53
CA ASN A 52 -3.54 -25.05 -0.55
C ASN A 52 -3.31 -26.39 0.10
N PHE A 53 -2.28 -27.11 -0.32
CA PHE A 53 -2.07 -28.50 0.14
C PHE A 53 -1.37 -28.58 1.49
N SER A 54 -1.24 -27.45 2.14
CA SER A 54 -0.91 -27.45 3.54
C SER A 54 -1.95 -28.17 4.39
N HIS A 55 -3.19 -28.22 3.91
CA HIS A 55 -4.33 -28.75 4.67
C HIS A 55 -5.14 -29.50 3.71
N GLY A 56 -6.02 -30.37 4.22
CA GLY A 56 -6.94 -31.14 3.38
C GLY A 56 -6.35 -32.42 2.81
N SER A 57 -7.19 -33.43 2.61
CA SER A 57 -6.80 -34.67 1.91
C SER A 57 -6.88 -34.51 0.38
N HIS A 58 -6.30 -35.46 -0.35
CA HIS A 58 -6.56 -35.58 -1.77
C HIS A 58 -8.02 -35.52 -2.12
N GLU A 59 -8.85 -36.15 -1.31
CA GLU A 59 -10.27 -36.23 -1.61
C GLU A 59 -10.91 -34.82 -1.56
N TYR A 60 -10.54 -34.06 -0.55
CA TYR A 60 -10.98 -32.68 -0.41
C TYR A 60 -10.58 -31.82 -1.63
N HIS A 61 -9.37 -32.02 -2.13
CA HIS A 61 -8.90 -31.24 -3.27
C HIS A 61 -9.50 -31.68 -4.57
N GLN A 62 -9.78 -32.97 -4.68
CA GLN A 62 -10.54 -33.49 -5.79
C GLN A 62 -11.91 -32.80 -5.90
N THR A 63 -12.57 -32.62 -4.78
CA THR A 63 -13.83 -31.92 -4.79
C THR A 63 -13.62 -30.47 -5.32
N THR A 64 -12.53 -29.84 -4.90
CA THR A 64 -12.19 -28.51 -5.40
C THR A 64 -11.97 -28.53 -6.92
N ILE A 65 -11.14 -29.46 -7.39
CA ILE A 65 -10.87 -29.58 -8.83
C ILE A 65 -12.17 -29.80 -9.62
N ASN A 66 -13.00 -30.73 -9.16
CA ASN A 66 -14.23 -31.04 -9.89
C ASN A 66 -15.20 -29.87 -9.92
N ASN A 67 -15.35 -29.21 -8.76
CA ASN A 67 -16.27 -28.09 -8.65
C ASN A 67 -15.82 -26.85 -9.47
N VAL A 68 -14.51 -26.58 -9.49
CA VAL A 68 -13.95 -25.55 -10.37
C VAL A 68 -14.27 -25.83 -11.84
N ARG A 69 -14.05 -27.06 -12.29
CA ARG A 69 -14.34 -27.42 -13.68
C ARG A 69 -15.83 -27.29 -14.03
N ALA A 70 -16.67 -27.71 -13.10
CA ALA A 70 -18.11 -27.70 -13.34
C ALA A 70 -18.57 -26.25 -13.44
N ALA A 71 -18.11 -25.42 -12.50
CA ALA A 71 -18.46 -23.99 -12.48
C ALA A 71 -17.92 -23.27 -13.71
N ALA A 72 -16.67 -23.56 -14.08
CA ALA A 72 -16.08 -22.92 -15.24
C ALA A 72 -16.84 -23.29 -16.52
N ALA A 73 -17.17 -24.59 -16.65
CA ALA A 73 -17.94 -25.09 -17.82
C ALA A 73 -19.33 -24.41 -17.92
N GLU A 74 -19.96 -24.19 -16.78
CA GLU A 74 -21.30 -23.61 -16.77
C GLU A 74 -21.24 -22.19 -17.32
N LEU A 75 -20.13 -21.52 -17.09
CA LEU A 75 -19.99 -20.13 -17.43
C LEU A 75 -19.24 -19.96 -18.75
N GLY A 76 -18.73 -21.07 -19.28
CA GLY A 76 -17.85 -21.02 -20.45
C GLY A 76 -16.55 -20.24 -20.24
N LEU A 77 -15.92 -20.39 -19.05
CA LEU A 77 -14.63 -19.73 -18.76
C LEU A 77 -13.50 -20.72 -18.68
N HIS A 78 -12.29 -20.29 -18.99
CA HIS A 78 -11.11 -21.09 -18.67
C HIS A 78 -10.47 -20.58 -17.42
N ILE A 79 -10.52 -21.38 -16.38
CA ILE A 79 -10.02 -20.96 -15.07
C ILE A 79 -8.85 -21.87 -14.71
N GLY A 80 -7.69 -21.28 -14.41
CA GLY A 80 -6.53 -22.08 -14.06
C GLY A 80 -6.70 -22.71 -12.69
N ILE A 81 -6.03 -23.81 -12.47
CA ILE A 81 -6.06 -24.47 -11.21
C ILE A 81 -4.64 -24.63 -10.73
N ALA A 82 -4.36 -24.13 -9.53
CA ALA A 82 -3.02 -24.07 -9.04
C ALA A 82 -2.89 -24.96 -7.81
N LEU A 83 -1.84 -25.78 -7.78
CA LEU A 83 -1.57 -26.61 -6.60
C LEU A 83 -0.45 -26.00 -5.81
N ASP A 84 -0.72 -25.64 -4.56
CA ASP A 84 0.26 -24.92 -3.76
C ASP A 84 0.80 -25.91 -2.73
N THR A 85 2.09 -26.25 -2.82
CA THR A 85 2.63 -27.36 -2.00
C THR A 85 2.73 -26.97 -0.54
N LYS A 86 2.56 -27.96 0.35
CA LYS A 86 2.98 -27.83 1.76
C LYS A 86 4.47 -27.45 1.87
N GLY A 87 5.35 -28.21 1.23
CA GLY A 87 6.77 -27.93 1.29
C GLY A 87 7.38 -28.16 2.67
N PRO A 88 8.60 -27.66 2.88
CA PRO A 88 9.34 -27.86 4.12
C PRO A 88 8.76 -27.03 5.28
N GLU A 89 7.49 -27.27 5.58
CA GLU A 89 6.78 -26.52 6.63
C GLU A 89 7.09 -27.09 8.00
N ILE A 90 7.01 -26.25 9.03
CA ILE A 90 7.20 -26.71 10.40
C ILE A 90 6.00 -26.25 11.22
N ARG A 91 5.33 -27.19 11.88
CA ARG A 91 4.12 -26.86 12.67
C ARG A 91 4.23 -27.36 14.12
N THR A 92 3.45 -26.74 15.01
CA THR A 92 3.19 -27.31 16.34
C THR A 92 2.31 -28.55 16.26
N GLY A 93 2.32 -29.34 17.34
CA GLY A 93 1.32 -30.39 17.55
C GLY A 93 -0.02 -29.86 18.06
N LEU A 94 -0.81 -30.73 18.68
CA LEU A 94 -2.08 -30.32 19.27
C LEU A 94 -1.86 -29.86 20.71
N PHE A 95 -2.89 -29.25 21.32
CA PHE A 95 -2.93 -29.07 22.78
C PHE A 95 -4.22 -29.63 23.38
N LYS A 96 -4.12 -30.20 24.57
CA LYS A 96 -5.31 -30.46 25.37
C LYS A 96 -6.21 -29.23 25.39
N ASP A 97 -7.47 -29.44 25.00
CA ASP A 97 -8.48 -28.37 24.97
C ASP A 97 -8.49 -27.57 23.66
N GLY A 98 -7.31 -27.39 23.07
CA GLY A 98 -7.21 -26.79 21.74
C GLY A 98 -6.55 -25.41 21.73
N GLU A 99 -6.50 -24.77 22.91
CA GLU A 99 -5.53 -23.70 23.18
C GLU A 99 -4.70 -24.04 24.41
N VAL A 100 -3.53 -23.41 24.49
CA VAL A 100 -2.95 -23.01 25.77
C VAL A 100 -2.58 -21.51 25.66
N SER A 101 -2.34 -20.86 26.80
CA SER A 101 -2.10 -19.42 26.84
C SER A 101 -0.77 -19.11 27.53
N PHE A 102 0.00 -18.20 26.97
CA PHE A 102 1.36 -17.96 27.46
C PHE A 102 1.54 -16.54 27.99
N ALA A 103 2.18 -16.43 29.16
CA ALA A 103 2.61 -15.14 29.70
C ALA A 103 4.11 -14.94 29.43
N PRO A 104 4.55 -13.67 29.29
CA PRO A 104 5.99 -13.36 29.16
C PRO A 104 6.79 -13.90 30.36
N GLY A 105 8.01 -14.39 30.11
CA GLY A 105 8.81 -15.02 31.16
C GLY A 105 8.40 -16.46 31.44
N ASP A 106 7.24 -16.87 30.90
CA ASP A 106 6.80 -18.28 30.87
C ASP A 106 7.90 -19.19 30.32
N ILE A 107 8.45 -20.07 31.14
CA ILE A 107 9.47 -21.02 30.67
C ILE A 107 8.86 -22.35 30.22
N VAL A 108 9.15 -22.74 28.97
CA VAL A 108 8.44 -23.84 28.30
C VAL A 108 9.39 -24.82 27.58
N CYS A 109 9.11 -26.11 27.72
CA CYS A 109 9.87 -27.13 26.99
C CYS A 109 9.22 -27.43 25.62
N VAL A 110 9.99 -27.26 24.56
CA VAL A 110 9.57 -27.75 23.24
C VAL A 110 10.31 -29.05 22.85
N THR A 111 9.58 -29.99 22.27
CA THR A 111 10.11 -31.32 22.05
C THR A 111 9.74 -31.86 20.67
N THR A 112 10.71 -32.52 20.05
CA THR A 112 10.54 -33.19 18.76
C THR A 112 9.97 -34.62 18.93
N ASP A 113 9.69 -34.99 20.17
CA ASP A 113 9.24 -36.34 20.55
C ASP A 113 7.74 -36.52 20.23
N PRO A 114 7.42 -37.39 19.24
CA PRO A 114 6.03 -37.48 18.77
C PRO A 114 5.07 -37.74 19.93
N ALA A 115 5.54 -38.54 20.90
CA ALA A 115 4.76 -38.89 22.08
C ALA A 115 3.90 -37.73 22.60
N TYR A 116 4.42 -36.51 22.50
CA TYR A 116 3.70 -35.34 23.03
C TYR A 116 2.84 -34.63 21.99
N GLU A 117 2.62 -35.29 20.84
CA GLU A 117 1.99 -34.64 19.69
C GLU A 117 0.60 -34.10 20.02
N LYS A 118 -0.24 -34.95 20.62
CA LYS A 118 -1.64 -34.64 20.81
C LYS A 118 -1.91 -33.90 22.13
N VAL A 119 -0.92 -33.91 23.02
CA VAL A 119 -1.15 -33.66 24.45
C VAL A 119 -0.39 -32.44 24.99
N GLY A 120 -0.30 -31.38 24.17
CA GLY A 120 0.52 -30.21 24.51
C GLY A 120 -0.08 -29.30 25.57
N THR A 121 0.77 -28.74 26.42
CA THR A 121 0.33 -27.90 27.53
C THR A 121 1.23 -26.68 27.66
N LYS A 122 0.91 -25.82 28.62
CA LYS A 122 1.67 -24.58 28.88
C LYS A 122 3.17 -24.82 29.11
N GLU A 123 3.53 -26.10 29.28
CA GLU A 123 4.82 -26.47 29.88
C GLU A 123 5.67 -27.27 28.91
N LYS A 124 5.01 -28.10 28.11
CA LYS A 124 5.67 -28.92 27.12
C LYS A 124 4.76 -29.10 25.90
N PHE A 125 5.32 -28.91 24.71
CA PHE A 125 4.59 -29.22 23.47
C PHE A 125 5.48 -29.59 22.30
N TYR A 126 4.85 -30.09 21.25
CA TYR A 126 5.53 -30.79 20.18
C TYR A 126 5.72 -29.89 18.97
N ILE A 127 6.87 -30.03 18.32
CA ILE A 127 7.14 -29.40 17.04
C ILE A 127 7.65 -30.47 16.08
N ASP A 128 7.09 -30.48 14.88
CA ASP A 128 7.22 -31.64 14.00
C ASP A 128 8.52 -31.66 13.17
N TYR A 129 9.51 -30.90 13.62
CA TYR A 129 10.81 -30.88 12.96
C TYR A 129 11.87 -31.58 13.82
N PRO A 130 12.24 -32.82 13.44
CA PRO A 130 13.04 -33.72 14.28
C PRO A 130 14.42 -33.19 14.56
N GLN A 131 14.98 -32.41 13.63
CA GLN A 131 16.33 -31.85 13.80
C GLN A 131 16.37 -30.49 14.55
N LEU A 132 15.27 -30.15 15.22
CA LEU A 132 15.14 -28.87 15.90
C LEU A 132 16.38 -28.49 16.73
N THR A 133 16.85 -29.40 17.57
CA THR A 133 17.92 -29.06 18.51
C THR A 133 19.34 -29.05 17.90
N ASN A 134 19.45 -29.42 16.61
CA ASN A 134 20.59 -29.04 15.77
C ASN A 134 20.42 -27.66 15.13
N ALA A 135 19.18 -27.33 14.75
CA ALA A 135 18.90 -26.12 13.96
C ALA A 135 19.09 -24.83 14.77
N VAL A 136 18.47 -24.76 15.94
CA VAL A 136 18.60 -23.60 16.81
C VAL A 136 19.29 -23.92 18.15
N ARG A 137 20.34 -23.16 18.47
CA ARG A 137 21.10 -23.34 19.72
C ARG A 137 20.71 -22.26 20.72
N PRO A 138 21.26 -22.34 21.94
CA PRO A 138 20.84 -21.44 23.02
C PRO A 138 21.06 -19.96 22.64
N GLY A 139 20.03 -19.13 22.81
CA GLY A 139 20.11 -17.71 22.42
C GLY A 139 19.50 -17.42 21.06
N GLY A 140 19.37 -18.47 20.24
CA GLY A 140 18.54 -18.42 19.03
C GLY A 140 17.07 -18.16 19.37
N SER A 141 16.26 -17.91 18.34
CA SER A 141 14.84 -17.58 18.53
C SER A 141 13.90 -18.42 17.66
N ILE A 142 12.77 -18.83 18.25
CA ILE A 142 11.77 -19.64 17.57
C ILE A 142 10.50 -18.80 17.41
N TYR A 143 10.08 -18.62 16.16
CA TYR A 143 8.88 -17.84 15.85
C TYR A 143 7.70 -18.76 15.65
N VAL A 144 6.54 -18.32 16.11
CA VAL A 144 5.40 -19.20 16.25
C VAL A 144 4.14 -18.51 15.76
N ASP A 145 3.39 -19.21 14.91
CA ASP A 145 2.12 -18.72 14.39
C ASP A 145 2.29 -17.44 13.61
N ASP A 146 2.77 -17.58 12.36
CA ASP A 146 2.97 -16.44 11.45
C ASP A 146 3.65 -15.27 12.17
N GLY A 147 4.52 -15.61 13.12
CA GLY A 147 5.46 -14.66 13.69
C GLY A 147 4.97 -13.88 14.89
N VAL A 148 3.76 -14.19 15.35
CA VAL A 148 3.11 -13.35 16.37
C VAL A 148 3.66 -13.57 17.79
N MET A 149 4.40 -14.66 17.99
CA MET A 149 4.99 -14.95 19.29
C MET A 149 6.42 -15.50 19.19
N THR A 150 7.33 -14.92 19.97
CA THR A 150 8.74 -15.36 20.01
C THR A 150 9.02 -16.24 21.23
N LEU A 151 9.98 -17.15 21.07
CA LEU A 151 10.65 -17.80 22.20
C LEU A 151 12.17 -17.73 22.05
N ARG A 152 12.87 -17.34 23.11
CA ARG A 152 14.30 -17.48 23.16
C ARG A 152 14.65 -18.88 23.68
N VAL A 153 15.72 -19.46 23.17
CA VAL A 153 16.18 -20.78 23.60
C VAL A 153 17.16 -20.59 24.75
N VAL A 154 16.78 -21.09 25.93
CA VAL A 154 17.63 -20.99 27.13
C VAL A 154 18.72 -22.09 27.14
N SER A 155 18.29 -23.35 27.03
CA SER A 155 19.23 -24.47 26.83
C SER A 155 18.67 -25.64 26.03
N LYS A 156 19.57 -26.42 25.46
CA LYS A 156 19.29 -27.77 24.99
C LYS A 156 19.25 -28.71 26.23
N GLU A 157 18.03 -29.12 26.63
CA GLU A 157 17.85 -30.22 27.64
C GLU A 157 18.53 -31.50 27.16
N ASP A 158 18.13 -31.96 25.98
CA ASP A 158 18.70 -33.17 25.36
C ASP A 158 18.38 -33.12 23.87
N ASP A 159 18.66 -34.21 23.17
CA ASP A 159 18.61 -34.21 21.70
C ASP A 159 17.18 -34.00 21.21
N ARG A 160 16.20 -34.14 22.12
CA ARG A 160 14.77 -34.08 21.76
C ARG A 160 14.04 -32.87 22.34
N THR A 161 14.71 -32.13 23.23
CA THR A 161 14.02 -31.13 24.05
C THR A 161 14.86 -29.87 24.20
N LEU A 162 14.21 -28.72 23.98
CA LEU A 162 14.81 -27.39 24.27
C LEU A 162 13.99 -26.65 25.33
N LYS A 163 14.68 -26.06 26.31
CA LYS A 163 14.04 -25.18 27.29
C LYS A 163 13.96 -23.74 26.76
N CYS A 164 12.76 -23.16 26.78
CA CYS A 164 12.53 -21.92 26.09
C CYS A 164 11.86 -20.86 26.96
N HIS A 165 12.42 -19.65 26.93
CA HIS A 165 11.78 -18.44 27.49
C HIS A 165 10.76 -17.83 26.53
N VAL A 166 9.48 -17.79 26.95
CA VAL A 166 8.43 -17.07 26.19
C VAL A 166 8.57 -15.55 26.31
N ASN A 167 8.59 -14.86 25.17
CA ASN A 167 8.89 -13.43 25.13
C ASN A 167 7.67 -12.51 25.17
N ASN A 168 6.49 -13.05 24.87
CA ASN A 168 5.28 -12.21 24.79
C ASN A 168 3.96 -12.98 24.84
N HIS A 169 2.86 -12.29 24.55
CA HIS A 169 1.51 -12.67 25.04
C HIS A 169 0.62 -13.23 23.95
N HIS A 170 0.43 -14.56 23.97
CA HIS A 170 -0.24 -15.24 22.86
C HIS A 170 -1.15 -16.36 23.30
N ARG A 171 -2.31 -16.45 22.64
CA ARG A 171 -3.22 -17.60 22.78
C ARG A 171 -3.14 -18.55 21.57
N LEU A 172 -2.74 -19.79 21.82
CA LEU A 172 -2.16 -20.65 20.79
C LEU A 172 -3.09 -21.81 20.37
N THR A 173 -3.51 -21.80 19.10
CA THR A 173 -4.42 -22.84 18.56
C THR A 173 -3.66 -24.07 17.97
N ASP A 174 -4.40 -25.05 17.45
CA ASP A 174 -3.81 -26.33 16.98
C ASP A 174 -2.95 -26.16 15.70
N ARG A 175 -1.82 -26.88 15.68
CA ARG A 175 -1.00 -27.05 14.47
C ARG A 175 -0.63 -25.73 13.79
N ARG A 176 -0.10 -24.80 14.59
CA ARG A 176 0.29 -23.49 14.05
C ARG A 176 1.72 -23.47 13.50
N GLY A 177 1.97 -22.53 12.60
CA GLY A 177 3.22 -22.45 11.84
C GLY A 177 4.41 -22.07 12.70
N ILE A 178 5.55 -22.70 12.43
CA ILE A 178 6.81 -22.34 13.06
C ILE A 178 7.78 -21.78 12.04
N ASN A 179 8.47 -20.69 12.39
CA ASN A 179 9.60 -20.22 11.57
C ASN A 179 10.91 -20.17 12.33
N LEU A 180 12.01 -20.46 11.64
CA LEU A 180 13.33 -20.40 12.28
C LEU A 180 14.28 -19.55 11.44
N PRO A 181 14.07 -18.23 11.45
CA PRO A 181 14.94 -17.33 10.71
C PRO A 181 16.39 -17.49 11.15
N GLY A 182 17.31 -17.40 10.20
CA GLY A 182 18.75 -17.46 10.50
C GLY A 182 19.18 -18.79 11.05
N CYS A 183 18.44 -19.84 10.69
CA CYS A 183 18.79 -21.19 11.11
C CYS A 183 18.95 -22.11 9.91
N GLU A 184 20.01 -22.93 9.94
CA GLU A 184 20.23 -23.99 8.95
C GLU A 184 19.18 -25.09 9.08
N VAL A 185 18.06 -24.90 8.40
CA VAL A 185 16.99 -25.90 8.37
C VAL A 185 17.16 -26.74 7.12
N ASP A 186 17.27 -28.04 7.29
CA ASP A 186 17.69 -28.93 6.21
C ASP A 186 16.56 -29.90 5.79
N LEU A 187 15.49 -29.34 5.24
CA LEU A 187 14.34 -30.13 4.83
C LEU A 187 14.23 -30.13 3.32
N PRO A 188 13.74 -31.24 2.73
CA PRO A 188 13.68 -31.30 1.26
C PRO A 188 12.66 -30.29 0.68
N ALA A 189 12.97 -29.77 -0.50
CA ALA A 189 11.97 -29.08 -1.31
C ALA A 189 10.81 -30.00 -1.63
N VAL A 190 11.11 -31.26 -1.99
CA VAL A 190 10.06 -32.28 -2.15
C VAL A 190 10.12 -33.42 -1.11
N SER A 191 9.44 -33.20 0.01
CA SER A 191 9.15 -34.28 0.94
C SER A 191 8.42 -35.40 0.22
N GLU A 192 8.45 -36.58 0.83
CA GLU A 192 7.57 -37.66 0.46
C GLU A 192 6.10 -37.20 0.29
N LYS A 193 5.59 -36.41 1.23
CA LYS A 193 4.23 -35.91 1.14
C LYS A 193 4.04 -35.01 -0.11
N ASP A 194 5.00 -34.12 -0.35
CA ASP A 194 5.00 -33.26 -1.56
C ASP A 194 4.99 -34.08 -2.85
N ARG A 195 5.77 -35.17 -2.86
CA ARG A 195 5.87 -36.03 -4.04
C ARG A 195 4.52 -36.67 -4.44
N LYS A 196 3.79 -37.19 -3.45
CA LYS A 196 2.42 -37.67 -3.68
C LYS A 196 1.52 -36.57 -4.21
N ASP A 197 1.56 -35.41 -3.56
CA ASP A 197 0.73 -34.28 -3.94
C ASP A 197 1.01 -33.82 -5.36
N LEU A 198 2.29 -33.77 -5.73
CA LEU A 198 2.64 -33.41 -7.09
C LEU A 198 2.14 -34.44 -8.09
N GLU A 199 2.25 -35.73 -7.76
CA GLU A 199 1.78 -36.79 -8.66
C GLU A 199 0.30 -36.73 -8.82
N PHE A 200 -0.39 -36.43 -7.73
CA PHE A 200 -1.84 -36.30 -7.77
C PHE A 200 -2.24 -35.12 -8.69
N GLY A 201 -1.48 -34.04 -8.61
CA GLY A 201 -1.71 -32.90 -9.49
C GLY A 201 -1.50 -33.21 -10.96
N VAL A 202 -0.42 -33.93 -11.29
CA VAL A 202 -0.24 -34.36 -12.66
C VAL A 202 -1.39 -35.26 -13.12
N ALA A 203 -1.72 -36.26 -12.31
CA ALA A 203 -2.84 -37.14 -12.59
C ALA A 203 -4.12 -36.32 -12.85
N GLN A 204 -4.41 -35.36 -11.97
CA GLN A 204 -5.62 -34.56 -12.10
C GLN A 204 -5.53 -33.43 -13.15
N GLY A 205 -4.34 -33.27 -13.74
CA GLY A 205 -4.16 -32.21 -14.76
C GLY A 205 -4.25 -30.76 -14.26
N VAL A 206 -3.65 -30.46 -13.11
CA VAL A 206 -3.51 -29.07 -12.65
C VAL A 206 -2.64 -28.27 -13.60
N ASP A 207 -2.87 -26.98 -13.62
CA ASP A 207 -2.23 -26.10 -14.60
C ASP A 207 -0.85 -25.59 -14.12
N MET A 208 -0.67 -25.47 -12.82
CA MET A 208 0.55 -24.86 -12.28
C MET A 208 0.81 -25.30 -10.84
N ILE A 209 2.07 -25.32 -10.46
CA ILE A 209 2.46 -25.59 -9.10
C ILE A 209 2.92 -24.29 -8.52
N PHE A 210 2.42 -23.92 -7.35
CA PHE A 210 3.06 -22.88 -6.51
C PHE A 210 3.98 -23.60 -5.52
N ALA A 211 5.27 -23.60 -5.79
CA ALA A 211 6.22 -24.42 -5.01
C ALA A 211 6.68 -23.68 -3.73
N SER A 212 6.31 -24.17 -2.56
CA SER A 212 6.66 -23.46 -1.35
C SER A 212 8.17 -23.43 -1.03
N PHE A 213 8.63 -22.32 -0.43
CA PHE A 213 10.00 -22.20 0.15
C PHE A 213 11.13 -22.53 -0.80
N ILE A 214 10.92 -22.31 -2.10
CA ILE A 214 12.03 -22.48 -3.02
C ILE A 214 13.27 -21.66 -2.58
N ARG A 215 14.41 -22.33 -2.44
CA ARG A 215 15.62 -21.66 -1.98
C ARG A 215 16.70 -21.57 -3.07
N THR A 216 16.63 -22.44 -4.07
CA THR A 216 17.71 -22.54 -5.08
C THR A 216 17.11 -22.94 -6.44
N ALA A 217 17.80 -22.62 -7.53
CA ALA A 217 17.45 -23.18 -8.82
C ALA A 217 17.42 -24.71 -8.77
N GLU A 218 18.39 -25.31 -8.09
CA GLU A 218 18.37 -26.77 -7.86
C GLU A 218 16.97 -27.26 -7.37
N GLN A 219 16.44 -26.65 -6.32
CA GLN A 219 15.12 -27.03 -5.82
C GLN A 219 14.01 -26.93 -6.83
N VAL A 220 14.08 -25.92 -7.71
CA VAL A 220 13.09 -25.79 -8.76
C VAL A 220 13.15 -27.03 -9.64
N ARG A 221 14.37 -27.41 -10.03
CA ARG A 221 14.59 -28.61 -10.85
C ARG A 221 14.13 -29.89 -10.18
N GLU A 222 14.29 -29.97 -8.85
CA GLU A 222 13.73 -31.10 -8.10
C GLU A 222 12.20 -31.14 -8.22
N VAL A 223 11.54 -29.98 -8.23
CA VAL A 223 10.09 -29.97 -8.41
C VAL A 223 9.72 -30.37 -9.85
N ARG A 224 10.52 -29.92 -10.82
CA ARG A 224 10.39 -30.38 -12.20
C ARG A 224 10.49 -31.91 -12.35
N ALA A 225 11.53 -32.51 -11.75
CA ALA A 225 11.74 -33.97 -11.81
C ALA A 225 10.59 -34.74 -11.15
N ALA A 226 10.19 -34.32 -9.96
CA ALA A 226 9.00 -34.90 -9.29
C ALA A 226 7.74 -34.88 -10.16
N LEU A 227 7.59 -33.88 -11.02
CA LEU A 227 6.44 -33.82 -11.92
C LEU A 227 6.56 -34.84 -13.05
N GLY A 228 7.78 -35.25 -13.36
CA GLY A 228 8.01 -36.35 -14.31
C GLY A 228 7.68 -36.02 -15.75
N GLU A 229 7.56 -37.05 -16.58
CA GLU A 229 7.36 -36.85 -18.03
C GLU A 229 5.98 -36.29 -18.32
N LYS A 230 4.98 -36.82 -17.63
CA LYS A 230 3.63 -36.48 -17.97
C LYS A 230 3.29 -35.09 -17.48
N GLY A 231 4.23 -34.46 -16.78
CA GLY A 231 3.96 -33.21 -16.08
C GLY A 231 4.80 -32.05 -16.56
N LYS A 232 5.47 -32.22 -17.70
CA LYS A 232 6.49 -31.26 -18.07
C LYS A 232 5.93 -29.89 -18.56
N ASP A 233 4.66 -29.83 -18.92
CA ASP A 233 4.08 -28.58 -19.41
C ASP A 233 3.37 -27.77 -18.33
N ILE A 234 3.48 -28.23 -17.09
CA ILE A 234 2.84 -27.57 -15.96
C ILE A 234 3.75 -26.45 -15.47
N LEU A 235 3.22 -25.24 -15.33
CA LEU A 235 4.05 -24.11 -14.84
C LEU A 235 4.52 -24.39 -13.44
N ILE A 236 5.77 -24.11 -13.18
CA ILE A 236 6.24 -24.02 -11.82
C ILE A 236 6.40 -22.53 -11.42
N ILE A 237 5.60 -22.10 -10.47
CA ILE A 237 5.73 -20.75 -9.93
C ILE A 237 6.43 -20.89 -8.57
N SER A 238 7.64 -20.34 -8.44
CA SER A 238 8.42 -20.48 -7.22
C SER A 238 8.03 -19.44 -6.19
N LYS A 239 7.68 -19.88 -4.99
CA LYS A 239 7.34 -18.93 -3.95
C LYS A 239 8.62 -18.51 -3.23
N ILE A 240 8.89 -17.20 -3.23
CA ILE A 240 10.01 -16.66 -2.49
C ILE A 240 9.54 -16.27 -1.12
N GLU A 241 10.08 -16.96 -0.11
CA GLU A 241 9.50 -17.03 1.23
C GLU A 241 10.60 -16.90 2.28
N ASN A 242 11.86 -16.93 1.89
CA ASN A 242 12.91 -16.74 2.89
C ASN A 242 14.12 -16.00 2.36
N HIS A 243 15.07 -15.77 3.26
CA HIS A 243 16.29 -15.02 3.01
C HIS A 243 17.03 -15.55 1.80
N GLN A 244 17.14 -16.86 1.71
CA GLN A 244 17.93 -17.51 0.69
C GLN A 244 17.24 -17.45 -0.69
N GLY A 245 15.92 -17.61 -0.69
CA GLY A 245 15.13 -17.33 -1.89
C GLY A 245 15.41 -15.95 -2.49
N VAL A 246 15.45 -14.94 -1.65
CA VAL A 246 15.71 -13.60 -2.15
C VAL A 246 17.16 -13.47 -2.66
N GLN A 247 18.11 -14.08 -1.95
CA GLN A 247 19.53 -14.06 -2.35
C GLN A 247 19.68 -14.69 -3.72
N ASN A 248 19.03 -15.83 -3.92
CA ASN A 248 19.17 -16.58 -5.16
C ASN A 248 18.16 -16.23 -6.23
N ILE A 249 17.49 -15.07 -6.10
CA ILE A 249 16.35 -14.76 -6.96
C ILE A 249 16.66 -14.87 -8.45
N ASP A 250 17.86 -14.47 -8.88
CA ASP A 250 18.14 -14.44 -10.32
C ASP A 250 18.13 -15.85 -10.91
N SER A 251 18.81 -16.79 -10.25
CA SER A 251 18.88 -18.11 -10.82
C SER A 251 17.57 -18.88 -10.56
N ILE A 252 16.84 -18.46 -9.53
CA ILE A 252 15.50 -19.01 -9.30
C ILE A 252 14.52 -18.56 -10.38
N ILE A 253 14.62 -17.31 -10.77
CA ILE A 253 13.78 -16.86 -11.83
C ILE A 253 14.12 -17.59 -13.12
N GLU A 254 15.39 -17.81 -13.36
CA GLU A 254 15.80 -18.38 -14.63
C GLU A 254 15.29 -19.82 -14.74
N ALA A 255 15.24 -20.54 -13.62
CA ALA A 255 14.72 -21.92 -13.62
C ALA A 255 13.16 -22.04 -13.65
N SER A 256 12.45 -20.98 -13.26
CA SER A 256 11.00 -21.10 -12.96
C SER A 256 10.16 -20.62 -14.17
N ASN A 257 8.88 -20.89 -14.16
CA ASN A 257 7.99 -20.26 -15.15
C ASN A 257 7.47 -18.95 -14.66
N GLY A 258 7.63 -18.70 -13.35
CA GLY A 258 7.16 -17.46 -12.74
C GLY A 258 7.47 -17.47 -11.25
N ILE A 259 7.00 -16.45 -10.53
CA ILE A 259 7.39 -16.25 -9.15
C ILE A 259 6.17 -15.76 -8.36
N MET A 260 6.10 -16.18 -7.10
CA MET A 260 5.19 -15.57 -6.15
C MET A 260 5.99 -14.91 -5.05
N VAL A 261 5.72 -13.63 -4.78
CA VAL A 261 6.29 -12.98 -3.62
C VAL A 261 5.41 -13.35 -2.45
N ALA A 262 5.84 -14.37 -1.70
CA ALA A 262 5.02 -15.00 -0.67
C ALA A 262 5.20 -14.22 0.63
N ARG A 263 4.50 -13.08 0.73
CA ARG A 263 4.84 -12.11 1.73
C ARG A 263 4.60 -12.61 3.16
N GLY A 264 3.70 -13.60 3.33
CA GLY A 264 3.41 -14.20 4.65
C GLY A 264 4.65 -14.75 5.35
N ASP A 265 5.19 -15.87 4.85
CA ASP A 265 6.44 -16.40 5.40
C ASP A 265 7.62 -15.45 5.23
N LEU A 266 7.69 -14.76 4.10
CA LEU A 266 8.81 -13.86 3.89
C LEU A 266 8.95 -12.82 5.02
N GLY A 267 7.81 -12.28 5.46
CA GLY A 267 7.81 -11.17 6.42
C GLY A 267 8.06 -11.62 7.86
N VAL A 268 8.16 -12.93 8.04
CA VAL A 268 8.63 -13.50 9.26
C VAL A 268 10.10 -13.90 9.12
N GLU A 269 10.48 -14.44 7.95
CA GLU A 269 11.84 -14.92 7.74
C GLU A 269 12.88 -13.79 7.61
N ILE A 270 12.44 -12.62 7.14
CA ILE A 270 13.29 -11.45 7.10
C ILE A 270 12.55 -10.30 7.80
N PRO A 271 13.28 -9.25 8.21
CA PRO A 271 12.50 -8.22 8.94
C PRO A 271 11.35 -7.69 8.07
N ALA A 272 10.20 -7.42 8.69
CA ALA A 272 8.96 -7.21 7.95
C ALA A 272 9.08 -5.96 7.06
N GLU A 273 9.76 -4.94 7.56
CA GLU A 273 9.99 -3.70 6.79
C GLU A 273 10.83 -3.89 5.53
N LYS A 274 11.52 -5.02 5.40
CA LYS A 274 12.32 -5.26 4.20
C LYS A 274 11.54 -5.90 3.09
N VAL A 275 10.40 -6.49 3.42
CA VAL A 275 9.54 -7.09 2.42
C VAL A 275 9.17 -6.09 1.28
N CYS A 276 8.99 -4.83 1.60
CA CYS A 276 8.63 -3.84 0.58
CA CYS A 276 8.62 -3.89 0.56
C CYS A 276 9.76 -3.67 -0.42
N VAL A 277 10.99 -3.71 0.08
CA VAL A 277 12.14 -3.66 -0.82
C VAL A 277 12.28 -4.93 -1.68
N ALA A 278 12.19 -6.12 -1.07
CA ALA A 278 12.13 -7.39 -1.83
C ALA A 278 11.01 -7.45 -2.90
N GLN A 279 9.80 -7.04 -2.54
CA GLN A 279 8.70 -7.02 -3.48
C GLN A 279 9.08 -6.25 -4.75
N MET A 280 9.49 -5.01 -4.56
CA MET A 280 9.83 -4.12 -5.68
C MET A 280 10.90 -4.76 -6.51
N CYS A 281 11.92 -5.29 -5.85
CA CYS A 281 13.05 -5.84 -6.52
C CYS A 281 12.62 -7.09 -7.32
N ILE A 282 11.86 -7.98 -6.70
CA ILE A 282 11.51 -9.23 -7.33
C ILE A 282 10.54 -9.05 -8.52
N ILE A 283 9.52 -8.21 -8.33
CA ILE A 283 8.53 -7.97 -9.36
C ILE A 283 9.19 -7.39 -10.61
N SER A 284 10.03 -6.38 -10.42
CA SER A 284 10.75 -5.77 -11.51
C SER A 284 11.68 -6.74 -12.23
N LYS A 285 12.38 -7.60 -11.50
CA LYS A 285 13.23 -8.60 -12.15
C LYS A 285 12.39 -9.56 -13.02
N CYS A 286 11.21 -9.96 -12.53
CA CYS A 286 10.32 -10.77 -13.34
C CYS A 286 9.83 -10.01 -14.56
N ASN A 287 9.51 -8.71 -14.40
CA ASN A 287 8.96 -7.94 -15.54
C ASN A 287 10.02 -7.89 -16.62
N VAL A 288 11.27 -7.79 -16.19
CA VAL A 288 12.39 -7.67 -17.10
C VAL A 288 12.62 -8.91 -18.00
N VAL A 289 12.45 -10.12 -17.45
CA VAL A 289 12.58 -11.33 -18.27
C VAL A 289 11.23 -11.78 -18.81
N GLY A 290 10.16 -11.07 -18.44
CA GLY A 290 8.86 -11.37 -18.98
C GLY A 290 8.28 -12.64 -18.42
N LYS A 291 8.42 -12.81 -17.11
CA LYS A 291 7.86 -13.95 -16.45
C LYS A 291 6.81 -13.51 -15.45
N PRO A 292 5.69 -14.25 -15.38
CA PRO A 292 4.60 -13.82 -14.51
C PRO A 292 5.05 -13.75 -13.03
N VAL A 293 4.51 -12.77 -12.31
CA VAL A 293 4.78 -12.65 -10.90
C VAL A 293 3.51 -12.30 -10.13
N ILE A 294 3.31 -13.02 -9.02
CA ILE A 294 2.12 -12.88 -8.20
C ILE A 294 2.52 -12.26 -6.88
N CYS A 295 1.82 -11.19 -6.51
CA CYS A 295 1.96 -10.63 -5.21
C CYS A 295 0.91 -11.20 -4.24
N ALA A 296 1.37 -11.74 -3.12
CA ALA A 296 0.46 -12.52 -2.27
C ALA A 296 0.45 -12.04 -0.82
N THR A 297 -0.72 -12.16 -0.18
CA THR A 297 -0.84 -12.41 1.27
C THR A 297 -1.16 -11.17 2.08
N GLN A 298 -2.27 -11.24 2.81
CA GLN A 298 -2.76 -10.13 3.63
C GLN A 298 -3.06 -8.86 2.85
N MET A 299 -3.31 -8.99 1.56
CA MET A 299 -3.64 -7.82 0.72
C MET A 299 -4.93 -7.14 1.11
N LEU A 300 -5.96 -7.92 1.42
CA LEU A 300 -7.27 -7.38 1.84
C LEU A 300 -7.73 -8.06 3.16
N GLU A 301 -6.78 -8.18 4.08
CA GLU A 301 -6.89 -9.11 5.19
C GLU A 301 -8.11 -8.83 6.05
N SER A 302 -8.28 -7.57 6.44
CA SER A 302 -9.41 -7.20 7.30
C SER A 302 -10.75 -7.59 6.66
N MET A 303 -10.79 -7.78 5.34
CA MET A 303 -12.05 -8.12 4.69
C MET A 303 -12.40 -9.59 4.90
N THR A 304 -11.51 -10.31 5.59
CA THR A 304 -11.85 -11.64 6.09
C THR A 304 -13.09 -11.60 6.99
N SER A 305 -13.24 -10.48 7.72
CA SER A 305 -14.33 -10.30 8.70
C SER A 305 -15.18 -9.05 8.43
N ASN A 306 -14.67 -8.10 7.67
CA ASN A 306 -15.40 -6.84 7.45
C ASN A 306 -15.85 -6.72 6.02
N PRO A 307 -16.93 -5.96 5.80
CA PRO A 307 -17.47 -5.78 4.43
C PRO A 307 -16.64 -4.77 3.60
N ARG A 308 -15.70 -4.08 4.27
CA ARG A 308 -14.91 -2.97 3.66
C ARG A 308 -13.44 -3.18 4.04
N PRO A 309 -12.51 -2.93 3.10
CA PRO A 309 -11.06 -3.01 3.43
C PRO A 309 -10.56 -1.73 4.11
N THR A 310 -9.41 -1.81 4.77
CA THR A 310 -8.78 -0.60 5.32
C THR A 310 -8.12 0.25 4.21
N ARG A 311 -7.78 1.49 4.52
CA ARG A 311 -7.08 2.33 3.57
C ARG A 311 -5.70 1.73 3.20
N ALA A 312 -5.04 1.08 4.15
CA ALA A 312 -3.74 0.46 3.87
C ALA A 312 -3.85 -0.66 2.85
N GLU A 313 -4.97 -1.37 2.89
CA GLU A 313 -5.10 -2.59 2.10
C GLU A 313 -5.44 -2.20 0.64
N VAL A 314 -6.22 -1.15 0.48
CA VAL A 314 -6.51 -0.63 -0.85
C VAL A 314 -5.19 -0.14 -1.53
N SER A 315 -4.41 0.62 -0.81
CA SER A 315 -3.17 1.09 -1.33
C SER A 315 -2.17 -0.08 -1.57
N ASP A 316 -2.24 -1.13 -0.75
CA ASP A 316 -1.35 -2.26 -0.94
C ASP A 316 -1.61 -2.90 -2.28
N VAL A 317 -2.89 -3.22 -2.54
CA VAL A 317 -3.31 -3.74 -3.85
C VAL A 317 -2.90 -2.78 -5.01
N ALA A 318 -3.17 -1.49 -4.87
CA ALA A 318 -2.92 -0.58 -5.97
C ALA A 318 -1.44 -0.55 -6.24
N ASN A 319 -0.65 -0.59 -5.20
CA ASN A 319 0.79 -0.47 -5.40
C ASN A 319 1.45 -1.73 -5.94
N ALA A 320 0.82 -2.88 -5.68
CA ALA A 320 1.30 -4.17 -6.27
C ALA A 320 1.15 -4.08 -7.76
N VAL A 321 0.03 -3.49 -8.20
CA VAL A 321 -0.23 -3.29 -9.59
C VAL A 321 0.72 -2.29 -10.22
N LEU A 322 0.87 -1.12 -9.58
CA LEU A 322 1.83 -0.11 -10.04
C LEU A 322 3.25 -0.66 -10.05
N ASN A 323 3.57 -1.56 -9.11
CA ASN A 323 4.95 -2.15 -9.04
C ASN A 323 5.31 -2.95 -10.30
N GLY A 324 4.27 -3.40 -11.02
CA GLY A 324 4.41 -4.32 -12.15
C GLY A 324 3.85 -5.73 -12.00
N ALA A 325 3.20 -6.06 -10.87
CA ALA A 325 2.75 -7.44 -10.68
C ALA A 325 1.67 -7.85 -11.70
N ASP A 326 1.77 -9.06 -12.24
CA ASP A 326 0.74 -9.58 -13.11
C ASP A 326 -0.55 -9.83 -12.32
N CYS A 327 -0.40 -10.44 -11.15
CA CYS A 327 -1.50 -11.01 -10.41
C CYS A 327 -1.44 -10.55 -9.00
N VAL A 328 -2.60 -10.54 -8.37
CA VAL A 328 -2.66 -10.35 -6.95
C VAL A 328 -3.46 -11.48 -6.34
N MET A 329 -3.15 -11.83 -5.12
CA MET A 329 -3.66 -13.07 -4.53
C MET A 329 -4.48 -12.85 -3.26
N LEU A 330 -5.48 -13.70 -3.06
CA LEU A 330 -6.25 -13.71 -1.82
C LEU A 330 -6.05 -15.06 -1.18
N SER A 331 -5.97 -15.08 0.13
CA SER A 331 -5.77 -16.34 0.85
C SER A 331 -6.95 -16.60 1.76
N GLY A 332 -6.77 -16.35 3.05
CA GLY A 332 -7.87 -16.46 3.99
C GLY A 332 -9.09 -15.66 3.56
N GLU A 333 -8.86 -14.54 2.86
CA GLU A 333 -9.96 -13.67 2.49
C GLU A 333 -11.07 -14.44 1.76
N THR A 334 -10.67 -15.40 0.92
CA THR A 334 -11.66 -16.18 0.17
C THR A 334 -11.78 -17.65 0.63
N ALA A 335 -10.72 -18.17 1.22
CA ALA A 335 -10.75 -19.55 1.69
C ALA A 335 -11.76 -19.65 2.84
N LYS A 336 -11.77 -18.65 3.71
CA LYS A 336 -12.53 -18.77 4.95
C LYS A 336 -13.23 -17.48 5.43
N GLY A 337 -13.25 -16.42 4.63
CA GLY A 337 -13.86 -15.16 5.05
C GLY A 337 -15.37 -15.10 4.89
N LYS A 338 -16.00 -14.07 5.43
CA LYS A 338 -17.44 -13.93 5.31
C LYS A 338 -17.88 -13.27 4.01
N TYR A 339 -16.93 -12.72 3.27
CA TYR A 339 -17.25 -11.81 2.19
C TYR A 339 -16.44 -12.10 0.94
N PRO A 340 -16.32 -13.39 0.57
CA PRO A 340 -15.45 -13.78 -0.52
C PRO A 340 -15.76 -13.04 -1.81
N ASN A 341 -17.03 -12.88 -2.11
CA ASN A 341 -17.39 -12.26 -3.38
C ASN A 341 -17.07 -10.80 -3.40
N GLU A 342 -17.30 -10.14 -2.27
CA GLU A 342 -17.08 -8.72 -2.17
C GLU A 342 -15.58 -8.41 -2.17
N VAL A 343 -14.80 -9.27 -1.54
CA VAL A 343 -13.38 -9.00 -1.47
C VAL A 343 -12.75 -9.11 -2.88
N VAL A 344 -13.20 -10.08 -3.66
CA VAL A 344 -12.75 -10.19 -5.02
C VAL A 344 -13.20 -9.00 -5.86
N GLN A 345 -14.39 -8.50 -5.58
CA GLN A 345 -14.91 -7.34 -6.30
C GLN A 345 -14.14 -6.04 -6.02
N TYR A 346 -13.81 -5.79 -4.75
CA TYR A 346 -12.96 -4.69 -4.39
C TYR A 346 -11.60 -4.80 -5.09
N MET A 347 -11.02 -6.01 -5.07
CA MET A 347 -9.71 -6.17 -5.60
C MET A 347 -9.75 -5.86 -7.08
N ALA A 348 -10.77 -6.35 -7.77
CA ALA A 348 -10.90 -6.10 -9.19
C ALA A 348 -11.03 -4.59 -9.46
N ARG A 349 -11.82 -3.90 -8.67
CA ARG A 349 -11.97 -2.43 -8.84
C ARG A 349 -10.66 -1.67 -8.54
N ILE A 350 -9.89 -2.14 -7.55
CA ILE A 350 -8.65 -1.44 -7.19
C ILE A 350 -7.65 -1.66 -8.33
N CYS A 351 -7.58 -2.89 -8.83
CA CYS A 351 -6.74 -3.19 -9.98
C CYS A 351 -6.99 -2.23 -11.13
N VAL A 352 -8.25 -2.08 -11.53
CA VAL A 352 -8.59 -1.22 -12.63
C VAL A 352 -8.21 0.24 -12.37
N GLU A 353 -8.41 0.74 -11.14
CA GLU A 353 -7.94 2.11 -10.81
C GLU A 353 -6.44 2.26 -11.00
N ALA A 354 -5.67 1.34 -10.42
CA ALA A 354 -4.24 1.45 -10.49
C ALA A 354 -3.79 1.34 -11.96
N GLN A 355 -4.42 0.42 -12.70
CA GLN A 355 -4.15 0.27 -14.14
C GLN A 355 -4.43 1.60 -14.87
N SER A 356 -5.53 2.25 -14.55
CA SER A 356 -5.82 3.55 -15.17
C SER A 356 -4.91 4.70 -14.73
N ALA A 357 -4.31 4.59 -13.55
CA ALA A 357 -3.33 5.60 -13.12
C ALA A 357 -1.93 5.32 -13.66
N THR A 358 -1.75 4.22 -14.35
CA THR A 358 -0.43 3.84 -14.86
C THR A 358 -0.10 4.65 -16.13
N HIS A 359 1.12 5.16 -16.21
CA HIS A 359 1.56 5.87 -17.41
C HIS A 359 1.63 4.88 -18.55
N ASP A 360 0.93 5.17 -19.64
CA ASP A 360 0.93 4.31 -20.83
C ASP A 360 2.27 3.55 -21.13
N THR A 361 3.35 4.28 -21.34
CA THR A 361 4.47 3.80 -22.12
C THR A 361 5.74 3.67 -21.29
N VAL A 362 5.69 4.07 -20.03
CA VAL A 362 6.86 4.06 -19.18
C VAL A 362 7.39 2.65 -19.01
N MET A 363 6.51 1.69 -18.71
CA MET A 363 6.90 0.31 -18.61
C MET A 363 7.44 -0.24 -19.93
N PHE A 364 6.75 0.07 -21.02
CA PHE A 364 7.19 -0.40 -22.32
C PHE A 364 8.64 -0.05 -22.55
N ASN A 365 8.94 1.23 -22.41
CA ASN A 365 10.29 1.71 -22.68
C ASN A 365 11.35 1.20 -21.70
N SER A 366 11.01 1.12 -20.42
CA SER A 366 11.97 0.66 -19.40
C SER A 366 12.33 -0.75 -19.65
N ILE A 367 11.33 -1.57 -20.01
CA ILE A 367 11.55 -2.98 -20.26
C ILE A 367 12.38 -3.17 -21.54
N LYS A 368 12.01 -2.45 -22.58
CA LYS A 368 12.70 -2.53 -23.86
C LYS A 368 14.16 -2.09 -23.73
N ASN A 369 14.41 -1.03 -22.98
CA ASN A 369 15.76 -0.49 -22.90
C ASN A 369 16.72 -1.43 -22.19
N LEU A 370 16.19 -2.42 -21.48
CA LEU A 370 17.02 -3.35 -20.74
C LEU A 370 17.25 -4.67 -21.46
N GLN A 371 16.73 -4.81 -22.68
CA GLN A 371 16.89 -6.08 -23.39
C GLN A 371 18.18 -6.11 -24.19
N LYS A 372 18.90 -7.24 -24.14
CA LYS A 372 20.09 -7.41 -24.96
C LYS A 372 19.75 -7.29 -26.45
N ILE A 373 20.55 -6.53 -27.19
CA ILE A 373 20.46 -6.47 -28.66
C ILE A 373 21.63 -7.28 -29.24
N PRO A 374 21.40 -8.07 -30.30
CA PRO A 374 20.16 -8.22 -31.05
C PRO A 374 19.16 -9.11 -30.31
N MET A 375 17.88 -8.81 -30.46
CA MET A 375 16.82 -9.69 -29.99
C MET A 375 16.64 -10.85 -30.97
N CYS A 376 16.04 -11.93 -30.51
CA CYS A 376 15.45 -12.90 -31.42
CA CYS A 376 15.50 -12.86 -31.47
C CYS A 376 14.31 -12.24 -32.21
N PRO A 377 14.08 -12.68 -33.44
CA PRO A 377 13.03 -12.13 -34.29
C PRO A 377 11.65 -12.03 -33.61
N GLU A 378 11.24 -13.07 -32.89
CA GLU A 378 9.84 -13.05 -32.34
C GLU A 378 9.73 -11.96 -31.27
N GLU A 379 10.83 -11.69 -30.57
CA GLU A 379 10.79 -10.64 -29.58
C GLU A 379 10.81 -9.27 -30.24
N ALA A 380 11.49 -9.14 -31.37
CA ALA A 380 11.47 -7.87 -32.06
C ALA A 380 10.06 -7.64 -32.59
N VAL A 381 9.41 -8.70 -33.07
CA VAL A 381 8.06 -8.61 -33.60
C VAL A 381 7.08 -8.27 -32.51
N CYS A 382 7.20 -8.93 -31.36
CA CYS A 382 6.27 -8.69 -30.26
C CYS A 382 6.42 -7.28 -29.63
N SER A 383 7.66 -6.85 -29.40
CA SER A 383 7.86 -5.49 -28.81
C SER A 383 7.47 -4.39 -29.81
N SER A 384 7.73 -4.62 -31.09
CA SER A 384 7.30 -3.66 -32.10
C SER A 384 5.79 -3.67 -32.32
N ALA A 385 5.16 -4.81 -32.11
CA ALA A 385 3.73 -4.86 -32.23
C ALA A 385 3.12 -4.00 -31.12
N VAL A 386 3.66 -4.11 -29.90
CA VAL A 386 3.13 -3.29 -28.81
C VAL A 386 3.34 -1.79 -29.09
N ALA A 387 4.51 -1.46 -29.66
CA ALA A 387 4.78 -0.08 -29.99
C ALA A 387 3.75 0.43 -31.00
N SER A 388 3.37 -0.40 -31.94
CA SER A 388 2.52 0.08 -32.97
C SER A 388 1.07 0.16 -32.44
N ALA A 389 0.75 -0.65 -31.44
CA ALA A 389 -0.52 -0.51 -30.72
C ALA A 389 -0.65 0.83 -30.04
N PHE A 390 0.40 1.28 -29.37
CA PHE A 390 0.40 2.64 -28.80
C PHE A 390 0.18 3.71 -29.86
N GLU A 391 0.84 3.54 -31.00
CA GLU A 391 0.91 4.57 -32.01
C GLU A 391 -0.41 4.74 -32.70
N VAL A 392 -1.17 3.65 -32.91
CA VAL A 392 -2.53 3.78 -33.49
C VAL A 392 -3.62 3.78 -32.43
N GLN A 393 -3.23 3.77 -31.16
CA GLN A 393 -4.23 3.71 -30.09
C GLN A 393 -5.17 2.49 -30.26
N ALA A 394 -4.60 1.36 -30.64
CA ALA A 394 -5.36 0.12 -30.78
C ALA A 394 -6.14 -0.23 -29.52
N LYS A 395 -7.38 -0.65 -29.73
CA LYS A 395 -8.23 -1.13 -28.65
C LYS A 395 -8.00 -2.59 -28.28
N ALA A 396 -7.36 -3.35 -29.15
CA ALA A 396 -6.95 -4.68 -28.79
C ALA A 396 -5.77 -5.14 -29.63
N MET A 397 -5.07 -6.14 -29.14
CA MET A 397 -4.12 -6.87 -29.92
C MET A 397 -4.61 -8.29 -30.03
N LEU A 398 -4.12 -9.02 -31.01
CA LEU A 398 -4.58 -10.36 -31.22
C LEU A 398 -3.37 -11.21 -31.57
N VAL A 399 -3.11 -12.27 -30.81
CA VAL A 399 -1.94 -13.07 -31.10
C VAL A 399 -2.31 -14.55 -31.14
N LEU A 400 -1.76 -15.30 -32.11
CA LEU A 400 -1.85 -16.74 -32.09
C LEU A 400 -0.76 -17.33 -31.25
N SER A 401 -1.17 -18.10 -30.26
CA SER A 401 -0.16 -18.77 -29.43
C SER A 401 -0.64 -20.14 -29.04
N ASN A 402 0.20 -21.14 -29.28
CA ASN A 402 -0.10 -22.50 -28.89
C ASN A 402 0.44 -22.87 -27.52
N THR A 403 1.71 -22.52 -27.27
CA THR A 403 2.30 -22.81 -25.94
C THR A 403 2.03 -21.69 -24.95
N GLY A 404 1.64 -20.51 -25.46
CA GLY A 404 1.52 -19.33 -24.61
C GLY A 404 2.73 -18.42 -24.69
N ARG A 405 3.85 -18.91 -25.20
CA ARG A 405 5.07 -18.11 -25.26
CA ARG A 405 5.09 -18.13 -25.28
C ARG A 405 4.86 -16.72 -25.90
N SER A 406 4.20 -16.67 -27.06
CA SER A 406 4.04 -15.41 -27.76
C SER A 406 3.11 -14.46 -27.00
N ALA A 407 2.08 -15.01 -26.36
CA ALA A 407 1.19 -14.19 -25.55
C ALA A 407 1.96 -13.59 -24.35
N ARG A 408 2.84 -14.37 -23.74
CA ARG A 408 3.60 -13.87 -22.63
C ARG A 408 4.62 -12.84 -23.10
N LEU A 409 5.17 -13.05 -24.30
CA LEU A 409 6.13 -12.13 -24.88
C LEU A 409 5.53 -10.75 -25.20
N ILE A 410 4.26 -10.72 -25.64
CA ILE A 410 3.62 -9.45 -25.91
C ILE A 410 3.33 -8.76 -24.59
N SER A 411 2.86 -9.57 -23.66
CA SER A 411 2.48 -9.09 -22.35
C SER A 411 3.65 -8.51 -21.58
N LYS A 412 4.84 -9.04 -21.83
CA LYS A 412 6.06 -8.50 -21.24
C LYS A 412 6.29 -7.03 -21.55
N TYR A 413 5.82 -6.60 -22.71
CA TYR A 413 5.93 -5.19 -23.09
C TYR A 413 4.73 -4.35 -22.66
N ARG A 414 3.87 -4.91 -21.83
CA ARG A 414 2.87 -4.09 -21.11
C ARG A 414 2.11 -3.10 -22.03
N PRO A 415 1.39 -3.61 -23.04
CA PRO A 415 0.41 -2.74 -23.73
C PRO A 415 -0.68 -2.24 -22.79
N ASN A 416 -1.40 -1.19 -23.20
CA ASN A 416 -2.53 -0.67 -22.42
C ASN A 416 -3.90 -1.21 -22.85
N CYS A 417 -3.91 -2.20 -23.70
CA CYS A 417 -5.17 -2.75 -24.22
C CYS A 417 -5.15 -4.25 -23.99
N PRO A 418 -6.29 -4.92 -24.22
CA PRO A 418 -6.35 -6.38 -24.03
C PRO A 418 -5.50 -7.08 -25.07
N ILE A 419 -4.97 -8.26 -24.73
CA ILE A 419 -4.22 -9.10 -25.66
C ILE A 419 -5.04 -10.36 -25.85
N ILE A 420 -5.76 -10.44 -26.97
CA ILE A 420 -6.61 -11.58 -27.24
C ILE A 420 -5.71 -12.69 -27.79
N CYS A 421 -5.70 -13.84 -27.13
CA CYS A 421 -4.82 -14.90 -27.54
C CYS A 421 -5.66 -16.05 -28.04
N VAL A 422 -5.55 -16.34 -29.34
CA VAL A 422 -6.12 -17.54 -29.89
C VAL A 422 -5.17 -18.73 -29.79
N THR A 423 -5.57 -19.72 -29.00
CA THR A 423 -4.72 -20.85 -28.74
C THR A 423 -5.39 -22.17 -29.11
N THR A 424 -4.57 -23.18 -29.39
CA THR A 424 -5.05 -24.47 -29.79
C THR A 424 -5.02 -25.48 -28.62
N ARG A 425 -4.66 -24.99 -27.42
CA ARG A 425 -4.64 -25.83 -26.25
C ARG A 425 -5.46 -25.22 -25.14
N LEU A 426 -6.37 -26.01 -24.62
CA LEU A 426 -7.14 -25.57 -23.48
C LEU A 426 -6.23 -25.24 -22.27
N GLN A 427 -5.16 -25.99 -22.11
CA GLN A 427 -4.26 -25.78 -20.99
C GLN A 427 -3.54 -24.44 -21.11
N THR A 428 -3.22 -24.06 -22.33
CA THR A 428 -2.68 -22.72 -22.55
C THR A 428 -3.68 -21.64 -22.10
N CYS A 429 -4.95 -21.76 -22.51
CA CYS A 429 -6.00 -20.85 -22.01
C CYS A 429 -5.92 -20.70 -20.50
N ARG A 430 -5.76 -21.81 -19.79
CA ARG A 430 -5.82 -21.76 -18.33
C ARG A 430 -4.53 -21.17 -17.72
N GLN A 431 -3.38 -21.51 -18.31
CA GLN A 431 -2.11 -21.03 -17.81
C GLN A 431 -1.90 -19.54 -18.07
N LEU A 432 -2.46 -19.04 -19.15
CA LEU A 432 -2.34 -17.61 -19.46
C LEU A 432 -3.14 -16.74 -18.49
N ASN A 433 -3.91 -17.33 -17.58
CA ASN A 433 -4.59 -16.54 -16.52
C ASN A 433 -3.65 -15.85 -15.56
N VAL A 434 -2.38 -16.24 -15.54
CA VAL A 434 -1.45 -15.52 -14.67
C VAL A 434 -0.67 -14.43 -15.42
N THR A 435 -1.06 -14.14 -16.67
CA THR A 435 -0.35 -13.13 -17.44
C THR A 435 -1.16 -11.86 -17.66
N ARG A 436 -0.57 -10.71 -17.32
CA ARG A 436 -1.29 -9.45 -17.39
C ARG A 436 -1.90 -9.23 -18.80
N SER A 437 -3.18 -8.89 -18.87
CA SER A 437 -3.85 -8.39 -20.13
C SER A 437 -4.43 -9.45 -21.04
N VAL A 438 -3.93 -10.68 -20.91
CA VAL A 438 -4.25 -11.72 -21.88
C VAL A 438 -5.68 -12.26 -21.67
N VAL A 439 -6.47 -12.33 -22.75
CA VAL A 439 -7.77 -12.94 -22.72
C VAL A 439 -7.74 -14.11 -23.74
N SER A 440 -7.97 -15.34 -23.30
CA SER A 440 -7.82 -16.53 -24.19
C SER A 440 -9.12 -17.00 -24.92
N VAL A 441 -8.96 -17.39 -26.19
CA VAL A 441 -9.99 -18.06 -26.97
C VAL A 441 -9.44 -19.39 -27.50
N PHE A 442 -10.21 -20.45 -27.31
CA PHE A 442 -9.78 -21.77 -27.72
C PHE A 442 -10.18 -22.07 -29.17
N TYR A 443 -9.20 -22.46 -29.98
CA TYR A 443 -9.49 -22.95 -31.33
C TYR A 443 -9.17 -24.42 -31.37
N ASP A 444 -10.20 -25.23 -31.62
CA ASP A 444 -10.06 -26.69 -31.55
C ASP A 444 -9.61 -27.18 -32.91
N ALA A 445 -8.30 -27.38 -33.10
CA ALA A 445 -7.77 -27.67 -34.44
C ALA A 445 -8.23 -29.05 -34.95
N ALA A 446 -8.48 -29.96 -34.03
CA ALA A 446 -8.83 -31.31 -34.39
C ALA A 446 -10.22 -31.29 -35.00
N LYS A 447 -11.08 -30.41 -34.45
CA LYS A 447 -12.47 -30.25 -34.89
C LYS A 447 -12.65 -29.29 -36.05
N SER A 448 -11.84 -28.25 -36.11
CA SER A 448 -12.05 -27.18 -37.14
C SER A 448 -11.01 -27.13 -38.25
N GLY A 449 -9.94 -27.91 -38.09
CA GLY A 449 -8.96 -28.06 -39.14
C GLY A 449 -7.68 -27.28 -38.84
N GLU A 450 -6.70 -27.45 -39.73
CA GLU A 450 -5.35 -27.09 -39.43
C GLU A 450 -5.09 -25.56 -39.39
N ASP A 451 -5.76 -24.81 -40.26
CA ASP A 451 -5.61 -23.34 -40.26
C ASP A 451 -4.18 -22.86 -40.56
N LYS A 452 -3.56 -23.45 -41.58
CA LYS A 452 -2.20 -23.08 -41.96
C LYS A 452 -2.07 -21.59 -42.32
N ASP A 453 -3.09 -21.03 -42.94
CA ASP A 453 -3.04 -19.63 -43.32
C ASP A 453 -3.58 -18.68 -42.22
N LYS A 454 -3.99 -19.25 -41.08
CA LYS A 454 -4.34 -18.46 -39.87
C LYS A 454 -5.68 -17.75 -39.93
N GLU A 455 -6.35 -17.79 -41.07
CA GLU A 455 -7.60 -17.04 -41.23
C GLU A 455 -8.75 -17.51 -40.32
N LYS A 456 -8.78 -18.79 -40.00
CA LYS A 456 -9.77 -19.27 -39.09
C LYS A 456 -9.59 -18.68 -37.68
N ARG A 457 -8.34 -18.70 -37.20
CA ARG A 457 -8.08 -18.26 -35.85
C ARG A 457 -8.18 -16.74 -35.69
N VAL A 458 -7.76 -16.02 -36.71
CA VAL A 458 -7.87 -14.59 -36.69
C VAL A 458 -9.34 -14.20 -36.71
N LYS A 459 -10.14 -14.88 -37.52
CA LYS A 459 -11.57 -14.58 -37.58
C LYS A 459 -12.22 -14.81 -36.21
N LEU A 460 -11.85 -15.92 -35.58
CA LEU A 460 -12.34 -16.27 -34.28
C LEU A 460 -11.98 -15.20 -33.25
N GLY A 461 -10.77 -14.65 -33.36
CA GLY A 461 -10.31 -13.64 -32.40
C GLY A 461 -10.88 -12.25 -32.64
N LEU A 462 -11.00 -11.87 -33.91
CA LEU A 462 -11.72 -10.65 -34.25
C LEU A 462 -13.21 -10.68 -33.87
N ASP A 463 -13.87 -11.82 -34.00
CA ASP A 463 -15.29 -11.89 -33.63
C ASP A 463 -15.43 -11.82 -32.12
N PHE A 464 -14.48 -12.44 -31.42
CA PHE A 464 -14.40 -12.31 -29.99
C PHE A 464 -14.17 -10.87 -29.55
N ALA A 465 -13.30 -10.15 -30.26
CA ALA A 465 -13.10 -8.75 -29.98
C ALA A 465 -14.43 -8.00 -30.08
N LYS A 466 -15.20 -8.33 -31.10
CA LYS A 466 -16.47 -7.66 -31.33
C LYS A 466 -17.51 -8.03 -30.25
N LYS A 467 -17.64 -9.33 -29.98
CA LYS A 467 -18.61 -9.83 -28.99
C LYS A 467 -18.36 -9.35 -27.56
N GLU A 468 -17.12 -9.43 -27.10
CA GLU A 468 -16.75 -8.96 -25.76
C GLU A 468 -16.61 -7.45 -25.66
N LYS A 469 -16.92 -6.71 -26.72
CA LYS A 469 -16.94 -5.23 -26.69
C LYS A 469 -15.58 -4.56 -26.46
N TYR A 470 -14.49 -5.23 -26.87
CA TYR A 470 -13.17 -4.59 -26.95
C TYR A 470 -13.07 -3.58 -28.06
N ALA A 471 -13.49 -3.96 -29.26
CA ALA A 471 -13.44 -3.04 -30.39
C ALA A 471 -14.70 -3.17 -31.21
N SER A 472 -14.94 -2.23 -32.11
CA SER A 472 -16.02 -2.42 -33.06
C SER A 472 -15.58 -2.12 -34.48
N THR A 473 -16.44 -2.45 -35.42
CA THR A 473 -16.25 -2.10 -36.83
C THR A 473 -15.45 -0.81 -37.06
N GLY A 474 -14.42 -0.91 -37.89
CA GLY A 474 -13.61 0.24 -38.21
C GLY A 474 -12.49 0.55 -37.21
N ASP A 475 -12.44 -0.17 -36.08
CA ASP A 475 -11.37 0.02 -35.11
C ASP A 475 -10.14 -0.74 -35.57
N VAL A 476 -8.96 -0.18 -35.32
CA VAL A 476 -7.72 -0.90 -35.68
C VAL A 476 -7.35 -1.96 -34.64
N VAL A 477 -6.89 -3.12 -35.10
CA VAL A 477 -6.42 -4.21 -34.20
C VAL A 477 -5.03 -4.65 -34.65
N VAL A 478 -4.14 -4.92 -33.70
CA VAL A 478 -2.78 -5.31 -34.05
C VAL A 478 -2.68 -6.84 -33.91
N VAL A 479 -2.34 -7.52 -35.01
CA VAL A 479 -2.52 -8.97 -35.11
C VAL A 479 -1.17 -9.60 -35.36
N VAL A 480 -0.76 -10.53 -34.49
CA VAL A 480 0.59 -11.04 -34.49
C VAL A 480 0.53 -12.56 -34.69
N HIS A 481 1.11 -13.08 -35.76
CA HIS A 481 1.32 -14.55 -35.89
C HIS A 481 2.41 -14.77 -36.90
N ALA A 482 2.56 -15.98 -37.43
CA ALA A 482 3.55 -16.18 -38.53
C ALA A 482 2.94 -15.90 -39.89
N ASP A 483 3.78 -15.62 -40.88
CA ASP A 483 3.36 -15.63 -42.26
C ASP A 483 3.11 -17.07 -42.74
N HIS A 484 2.90 -17.22 -44.03
CA HIS A 484 2.49 -18.52 -44.56
C HIS A 484 3.50 -19.62 -44.50
N SER A 485 4.76 -19.32 -44.18
CA SER A 485 5.74 -20.41 -44.15
C SER A 485 6.60 -20.61 -42.88
N VAL A 486 6.74 -19.59 -42.04
CA VAL A 486 7.48 -19.72 -40.80
C VAL A 486 6.75 -20.57 -39.74
N LYS A 487 7.44 -21.55 -39.18
CA LYS A 487 6.89 -22.39 -38.11
C LYS A 487 7.71 -22.24 -36.84
N GLY A 488 7.02 -22.09 -35.70
CA GLY A 488 7.71 -22.14 -34.42
C GLY A 488 7.63 -20.85 -33.62
N TYR A 489 7.31 -19.75 -34.30
CA TYR A 489 7.20 -18.47 -33.60
C TYR A 489 6.51 -17.49 -34.51
N PRO A 490 6.17 -16.31 -34.00
CA PRO A 490 5.51 -15.38 -34.92
C PRO A 490 6.54 -14.46 -35.59
N ASN A 491 6.53 -14.33 -36.92
CA ASN A 491 7.47 -13.41 -37.57
C ASN A 491 6.80 -12.18 -38.19
N GLN A 492 5.49 -12.02 -37.94
CA GLN A 492 4.66 -11.09 -38.69
C GLN A 492 3.73 -10.24 -37.81
N THR A 493 3.57 -8.96 -38.13
CA THR A 493 2.62 -8.11 -37.47
C THR A 493 1.76 -7.53 -38.57
N ARG A 494 0.46 -7.39 -38.31
CA ARG A 494 -0.45 -6.69 -39.23
C ARG A 494 -1.33 -5.68 -38.45
N LEU A 495 -1.62 -4.53 -39.07
CA LEU A 495 -2.68 -3.70 -38.58
C LEU A 495 -3.92 -3.93 -39.42
N ILE A 496 -5.02 -4.23 -38.75
CA ILE A 496 -6.24 -4.61 -39.41
C ILE A 496 -7.44 -3.83 -38.85
N TYR A 497 -8.29 -3.34 -39.73
CA TYR A 497 -9.56 -2.75 -39.32
C TYR A 497 -10.60 -3.82 -39.13
N LEU A 498 -11.29 -3.81 -37.99
CA LEU A 498 -12.42 -4.70 -37.74
C LEU A 498 -13.46 -4.56 -38.86
N PRO A 499 -13.78 -5.68 -39.54
CA PRO A 499 -14.76 -5.67 -40.64
C PRO A 499 -16.20 -5.43 -40.15
N SER B 2 15.64 4.59 -14.93
CA SER B 2 14.23 4.20 -14.86
C SER B 2 13.96 3.62 -13.49
N GLN B 3 12.77 3.85 -12.99
CA GLN B 3 12.33 3.19 -11.79
C GLN B 3 12.60 1.66 -11.86
N LEU B 4 12.36 1.05 -13.03
CA LEU B 4 12.52 -0.40 -13.16
C LEU B 4 13.99 -0.84 -12.97
N GLU B 5 14.92 -0.16 -13.63
CA GLU B 5 16.33 -0.42 -13.45
C GLU B 5 16.81 -0.16 -12.02
N HIS B 6 16.25 0.84 -11.37
CA HIS B 6 16.59 1.10 -10.01
C HIS B 6 16.12 -0.04 -9.13
N ASN B 7 14.90 -0.53 -9.38
CA ASN B 7 14.35 -1.66 -8.63
C ASN B 7 15.21 -2.93 -8.72
N ILE B 8 15.63 -3.30 -9.93
CA ILE B 8 16.25 -4.57 -10.07
C ILE B 8 17.61 -4.59 -9.36
N GLY B 9 18.08 -3.43 -8.95
CA GLY B 9 19.41 -3.32 -8.37
C GLY B 9 19.34 -3.06 -6.88
N LEU B 10 18.11 -2.95 -6.34
CA LEU B 10 17.89 -2.86 -4.91
C LEU B 10 18.49 -4.06 -4.18
N SER B 11 18.93 -3.86 -2.94
CA SER B 11 19.43 -4.97 -2.09
C SER B 11 18.82 -4.94 -0.68
N ILE B 12 18.11 -6.00 -0.28
CA ILE B 12 17.65 -6.11 1.12
C ILE B 12 18.78 -6.22 2.18
N PHE B 13 19.96 -6.66 1.77
CA PHE B 13 21.07 -6.93 2.70
C PHE B 13 21.92 -5.75 3.11
N GLU B 14 21.97 -4.72 2.27
CA GLU B 14 22.82 -3.55 2.52
C GLU B 14 22.37 -2.82 3.80
N PRO B 15 23.31 -2.19 4.51
CA PRO B 15 22.88 -1.33 5.63
C PRO B 15 21.95 -0.21 5.15
N VAL B 16 21.00 0.18 6.00
CA VAL B 16 20.07 1.24 5.69
C VAL B 16 20.59 2.60 6.15
N ALA B 17 19.98 3.67 5.65
CA ALA B 17 20.28 5.03 6.11
C ALA B 17 20.29 5.14 7.63
N LYS B 18 21.21 5.93 8.17
CA LYS B 18 21.28 6.12 9.60
C LYS B 18 20.32 7.17 10.11
N HIS B 19 19.90 8.09 9.25
CA HIS B 19 19.16 9.22 9.75
C HIS B 19 17.83 9.33 9.11
N ARG B 20 16.81 9.06 9.87
CA ARG B 20 15.49 9.02 9.31
C ARG B 20 15.05 10.42 8.80
N ALA B 21 14.65 10.49 7.54
CA ALA B 21 14.21 11.73 6.91
C ALA B 21 12.73 12.03 7.14
N ASN B 22 11.88 11.03 7.01
CA ASN B 22 10.44 11.28 7.22
C ASN B 22 10.03 11.44 8.69
N ARG B 23 8.82 11.93 8.89
CA ARG B 23 8.40 12.40 10.20
C ARG B 23 7.07 11.77 10.56
N ILE B 24 6.85 11.61 11.86
CA ILE B 24 5.75 10.81 12.35
C ILE B 24 4.87 11.64 13.29
N VAL B 25 3.59 11.76 12.93
CA VAL B 25 2.59 12.44 13.73
C VAL B 25 1.81 11.38 14.51
N CYS B 26 1.71 11.55 15.83
CA CYS B 26 0.92 10.63 16.68
C CYS B 26 -0.23 11.30 17.39
N THR B 27 -1.38 10.63 17.36
CA THR B 27 -2.56 11.08 18.06
C THR B 27 -2.50 10.63 19.50
N ILE B 28 -2.65 11.58 20.42
CA ILE B 28 -2.61 11.30 21.85
C ILE B 28 -4.00 10.91 22.38
N GLY B 29 -4.00 9.97 23.32
CA GLY B 29 -5.24 9.47 23.91
C GLY B 29 -4.89 8.63 25.12
N PRO B 30 -5.85 7.84 25.63
CA PRO B 30 -5.67 7.26 26.96
C PRO B 30 -4.49 6.30 27.01
N SER B 31 -4.12 5.73 25.88
CA SER B 31 -2.91 4.90 25.81
C SER B 31 -1.59 5.68 26.05
N THR B 32 -1.59 7.00 25.74
CA THR B 32 -0.33 7.75 25.49
C THR B 32 -0.27 9.15 26.10
N GLN B 33 -1.24 9.51 26.93
CA GLN B 33 -1.30 10.87 27.48
C GLN B 33 -0.38 11.15 28.67
N SER B 34 0.05 10.12 29.37
CA SER B 34 0.89 10.35 30.53
C SER B 34 2.27 10.88 30.08
N VAL B 35 2.87 11.73 30.91
CA VAL B 35 4.24 12.15 30.68
C VAL B 35 5.21 10.97 30.38
N GLU B 36 5.02 9.86 31.07
CA GLU B 36 5.85 8.68 30.82
C GLU B 36 5.57 8.11 29.43
N ALA B 37 4.29 8.01 29.09
CA ALA B 37 3.90 7.48 27.81
C ALA B 37 4.50 8.34 26.71
N LEU B 38 4.47 9.65 26.92
CA LEU B 38 4.83 10.58 25.87
C LEU B 38 6.33 10.58 25.68
N LYS B 39 7.07 10.38 26.76
CA LYS B 39 8.53 10.27 26.67
C LYS B 39 8.91 9.11 25.78
N ASN B 40 8.36 7.94 26.08
CA ASN B 40 8.57 6.78 25.23
C ASN B 40 8.13 6.95 23.77
N LEU B 41 7.00 7.63 23.56
CA LEU B 41 6.54 7.96 22.20
C LEU B 41 7.61 8.77 21.48
N MET B 42 8.13 9.78 22.17
CA MET B 42 9.19 10.62 21.65
C MET B 42 10.48 9.83 21.37
N LYS B 43 10.92 9.01 22.32
CA LYS B 43 12.09 8.17 22.06
C LYS B 43 11.83 7.24 20.88
N SER B 44 10.57 6.84 20.70
CA SER B 44 10.23 5.91 19.62
C SER B 44 10.20 6.58 18.24
N GLY B 45 10.01 7.90 18.19
CA GLY B 45 10.08 8.63 16.93
C GLY B 45 8.95 9.62 16.66
N MET B 46 8.04 9.83 17.62
CA MET B 46 7.01 10.86 17.44
C MET B 46 7.64 12.25 17.29
N SER B 47 7.29 12.97 16.22
CA SER B 47 7.76 14.35 16.05
C SER B 47 6.70 15.39 16.40
N VAL B 48 5.44 15.06 16.13
CA VAL B 48 4.34 15.98 16.34
C VAL B 48 3.27 15.22 17.08
N ALA B 49 2.70 15.82 18.12
CA ALA B 49 1.62 15.22 18.85
C ALA B 49 0.31 15.84 18.40
N ARG B 50 -0.65 14.99 18.03
CA ARG B 50 -1.94 15.45 17.50
C ARG B 50 -3.03 15.28 18.53
N MET B 51 -3.76 16.37 18.76
CA MET B 51 -4.92 16.36 19.65
C MET B 51 -6.14 16.39 18.79
N ASN B 52 -6.95 15.35 18.91
CA ASN B 52 -8.15 15.24 18.10
C ASN B 52 -9.33 15.88 18.84
N PHE B 53 -9.72 17.07 18.43
CA PHE B 53 -10.77 17.81 19.15
C PHE B 53 -12.17 17.40 18.78
N SER B 54 -12.30 16.35 17.97
CA SER B 54 -13.52 15.57 17.94
C SER B 54 -13.92 15.00 19.28
N HIS B 55 -12.95 14.57 20.07
CA HIS B 55 -13.25 13.93 21.35
C HIS B 55 -12.52 14.65 22.41
N GLY B 56 -13.13 14.72 23.59
CA GLY B 56 -12.49 15.26 24.78
C GLY B 56 -12.76 16.72 25.02
N SER B 57 -12.70 17.11 26.30
CA SER B 57 -12.86 18.50 26.69
C SER B 57 -11.54 19.27 26.62
N HIS B 58 -11.65 20.59 26.69
CA HIS B 58 -10.51 21.46 26.84
C HIS B 58 -9.63 21.04 27.98
N GLU B 59 -10.23 20.69 29.10
CA GLU B 59 -9.48 20.18 30.23
C GLU B 59 -8.62 18.96 29.82
N TYR B 60 -9.20 18.06 29.03
CA TYR B 60 -8.48 16.85 28.62
C TYR B 60 -7.26 17.22 27.75
N HIS B 61 -7.46 18.14 26.82
CA HIS B 61 -6.42 18.50 25.92
C HIS B 61 -5.39 19.36 26.58
N GLN B 62 -5.77 20.07 27.63
CA GLN B 62 -4.80 20.84 28.41
C GLN B 62 -3.76 19.87 29.03
N THR B 63 -4.23 18.77 29.58
CA THR B 63 -3.34 17.77 30.14
C THR B 63 -2.35 17.28 29.07
N THR B 64 -2.85 17.13 27.84
CA THR B 64 -2.00 16.69 26.73
C THR B 64 -0.93 17.73 26.46
N ILE B 65 -1.37 18.96 26.29
CA ILE B 65 -0.44 20.04 26.07
C ILE B 65 0.62 20.10 27.15
N ASN B 66 0.19 20.03 28.41
CA ASN B 66 1.12 20.19 29.51
C ASN B 66 2.09 19.01 29.57
N ASN B 67 1.56 17.81 29.34
CA ASN B 67 2.37 16.61 29.42
C ASN B 67 3.35 16.51 28.28
N VAL B 68 2.94 16.97 27.11
CA VAL B 68 3.83 16.96 25.97
C VAL B 68 5.00 17.91 26.24
N ARG B 69 4.69 19.11 26.73
CA ARG B 69 5.75 20.07 27.09
C ARG B 69 6.71 19.56 28.17
N ALA B 70 6.19 18.91 29.19
CA ALA B 70 7.05 18.34 30.25
C ALA B 70 7.93 17.18 29.71
N ALA B 71 7.32 16.31 28.92
CA ALA B 71 8.02 15.17 28.33
C ALA B 71 9.14 15.63 27.39
N ALA B 72 8.85 16.64 26.59
CA ALA B 72 9.82 17.13 25.64
C ALA B 72 10.95 17.86 26.36
N ALA B 73 10.60 18.64 27.38
CA ALA B 73 11.60 19.40 28.15
C ALA B 73 12.56 18.46 28.85
N GLU B 74 12.05 17.37 29.41
CA GLU B 74 12.90 16.34 30.00
C GLU B 74 13.92 15.78 29.04
N LEU B 75 13.52 15.56 27.78
CA LEU B 75 14.45 14.95 26.80
C LEU B 75 15.19 15.99 25.95
N GLY B 76 14.86 17.25 26.14
CA GLY B 76 15.47 18.33 25.36
C GLY B 76 15.08 18.23 23.88
N LEU B 77 13.83 17.90 23.60
CA LEU B 77 13.35 17.82 22.24
C LEU B 77 12.40 18.99 21.93
N HIS B 78 12.27 19.32 20.66
CA HIS B 78 11.26 20.25 20.22
C HIS B 78 10.19 19.49 19.52
N ILE B 79 9.01 19.42 20.14
CA ILE B 79 7.91 18.59 19.64
C ILE B 79 6.73 19.46 19.29
N GLY B 80 6.26 19.34 18.04
CA GLY B 80 5.18 20.17 17.60
C GLY B 80 3.88 19.71 18.24
N ILE B 81 2.95 20.63 18.41
CA ILE B 81 1.66 20.30 18.93
C ILE B 81 0.61 20.76 17.94
N ALA B 82 -0.25 19.84 17.53
CA ALA B 82 -1.19 20.07 16.47
C ALA B 82 -2.62 19.95 17.03
N LEU B 83 -3.49 20.85 16.62
CA LEU B 83 -4.88 20.79 17.01
C LEU B 83 -5.72 20.41 15.81
N ASP B 84 -6.44 19.30 15.90
CA ASP B 84 -7.13 18.76 14.75
C ASP B 84 -8.60 19.01 15.03
N THR B 85 -9.19 19.96 14.31
CA THR B 85 -10.57 20.38 14.60
C THR B 85 -11.62 19.28 14.36
N LYS B 86 -12.70 19.33 15.13
CA LYS B 86 -13.90 18.55 14.82
C LYS B 86 -14.47 18.86 13.44
N GLY B 87 -14.64 20.13 13.12
CA GLY B 87 -15.11 20.50 11.78
C GLY B 87 -16.61 20.43 11.70
N PRO B 88 -17.20 21.07 10.69
CA PRO B 88 -18.65 20.98 10.56
C PRO B 88 -19.01 19.61 10.07
N GLU B 89 -20.26 19.22 10.30
CA GLU B 89 -20.73 17.87 9.98
C GLU B 89 -22.21 17.90 9.67
N ILE B 90 -22.66 16.87 8.95
CA ILE B 90 -24.07 16.63 8.74
C ILE B 90 -24.46 15.37 9.46
N ARG B 91 -25.59 15.41 10.16
CA ARG B 91 -26.05 14.27 10.93
C ARG B 91 -27.54 14.05 10.70
N THR B 92 -27.99 12.80 10.90
CA THR B 92 -29.42 12.50 10.99
C THR B 92 -29.99 13.14 12.24
N GLY B 93 -31.31 13.17 12.33
CA GLY B 93 -31.99 13.38 13.61
C GLY B 93 -31.91 12.20 14.59
N LEU B 94 -32.71 12.27 15.65
CA LEU B 94 -32.92 11.14 16.55
C LEU B 94 -34.01 10.21 16.02
N PHE B 95 -34.05 9.00 16.56
CA PHE B 95 -35.06 8.04 16.23
C PHE B 95 -35.96 7.75 17.45
N LYS B 96 -37.21 7.39 17.22
CA LYS B 96 -38.03 6.79 18.30
C LYS B 96 -37.35 5.54 18.85
N ASP B 97 -37.43 5.36 20.16
CA ASP B 97 -36.79 4.21 20.82
C ASP B 97 -35.29 4.15 20.54
N GLY B 98 -34.76 5.21 19.93
CA GLY B 98 -33.32 5.40 19.87
C GLY B 98 -32.62 4.60 18.78
N GLU B 99 -33.40 3.85 18.00
CA GLU B 99 -32.84 3.06 16.90
C GLU B 99 -33.91 2.59 15.93
N VAL B 100 -33.49 2.28 14.72
CA VAL B 100 -34.35 1.72 13.71
C VAL B 100 -33.51 0.81 12.83
N SER B 101 -34.09 -0.28 12.36
CA SER B 101 -33.38 -1.21 11.49
C SER B 101 -33.94 -1.16 10.08
N PHE B 102 -33.04 -1.16 9.11
CA PHE B 102 -33.42 -1.11 7.71
C PHE B 102 -32.97 -2.34 6.95
N ALA B 103 -33.65 -2.60 5.85
CA ALA B 103 -33.40 -3.76 5.02
C ALA B 103 -33.33 -3.28 3.59
N PRO B 104 -32.60 -4.01 2.73
CA PRO B 104 -32.55 -3.64 1.31
C PRO B 104 -33.95 -3.62 0.73
N GLY B 105 -34.25 -2.58 -0.05
CA GLY B 105 -35.60 -2.43 -0.61
C GLY B 105 -36.48 -1.46 0.16
N ASP B 106 -36.20 -1.27 1.45
CA ASP B 106 -36.99 -0.34 2.26
C ASP B 106 -37.01 1.03 1.61
N ILE B 107 -38.21 1.60 1.49
CA ILE B 107 -38.37 2.98 1.06
C ILE B 107 -38.46 3.89 2.29
N VAL B 108 -37.71 4.97 2.30
CA VAL B 108 -37.68 5.88 3.43
C VAL B 108 -37.61 7.33 2.95
N CYS B 109 -38.47 8.17 3.50
CA CYS B 109 -38.38 9.58 3.25
C CYS B 109 -37.35 10.22 4.17
N VAL B 110 -36.50 11.05 3.63
CA VAL B 110 -35.60 11.79 4.46
C VAL B 110 -35.89 13.24 4.24
N THR B 111 -35.98 13.97 5.35
CA THR B 111 -36.49 15.32 5.30
C THR B 111 -35.53 16.30 5.93
N THR B 112 -35.68 17.53 5.48
CA THR B 112 -34.92 18.66 5.92
C THR B 112 -35.83 19.55 6.84
N ASP B 113 -37.05 19.07 7.08
CA ASP B 113 -37.96 19.75 8.01
C ASP B 113 -37.62 19.46 9.49
N PRO B 114 -37.14 20.48 10.24
CA PRO B 114 -36.63 20.26 11.58
C PRO B 114 -37.73 19.81 12.56
N ALA B 115 -38.99 19.95 12.16
CA ALA B 115 -40.09 19.35 12.92
C ALA B 115 -39.82 17.84 13.18
N TYR B 116 -39.20 17.17 12.21
CA TYR B 116 -38.99 15.71 12.32
C TYR B 116 -37.70 15.32 13.06
N GLU B 117 -37.00 16.33 13.58
CA GLU B 117 -35.69 16.15 14.21
C GLU B 117 -35.56 14.96 15.23
N LYS B 118 -36.59 14.78 16.05
CA LYS B 118 -36.49 13.89 17.21
C LYS B 118 -37.44 12.70 17.12
N VAL B 119 -38.07 12.53 15.95
CA VAL B 119 -39.11 11.49 15.76
C VAL B 119 -38.86 10.64 14.51
N GLY B 120 -37.58 10.35 14.25
CA GLY B 120 -37.17 9.46 13.17
C GLY B 120 -37.79 8.08 13.29
N THR B 121 -38.32 7.59 12.18
CA THR B 121 -38.82 6.22 12.09
C THR B 121 -38.18 5.49 10.89
N LYS B 122 -38.58 4.23 10.70
CA LYS B 122 -38.34 3.49 9.45
C LYS B 122 -38.86 4.22 8.20
N GLU B 123 -39.88 5.06 8.37
CA GLU B 123 -40.62 5.63 7.23
C GLU B 123 -40.05 6.99 6.85
N LYS B 124 -39.46 7.67 7.83
CA LYS B 124 -39.15 9.08 7.67
C LYS B 124 -38.22 9.53 8.77
N PHE B 125 -37.14 10.19 8.38
CA PHE B 125 -36.22 10.75 9.35
C PHE B 125 -35.54 12.01 8.87
N TYR B 126 -34.96 12.73 9.82
CA TYR B 126 -34.43 14.05 9.57
C TYR B 126 -32.94 14.00 9.26
N ILE B 127 -32.50 14.86 8.33
CA ILE B 127 -31.10 15.18 8.10
C ILE B 127 -30.91 16.70 8.15
N ASP B 128 -29.92 17.16 8.91
CA ASP B 128 -29.84 18.58 9.34
C ASP B 128 -29.07 19.44 8.34
N TYR B 129 -29.27 19.20 7.06
CA TYR B 129 -28.61 19.98 6.04
C TYR B 129 -29.65 20.62 5.13
N PRO B 130 -29.92 21.92 5.31
CA PRO B 130 -31.15 22.47 4.74
C PRO B 130 -31.16 22.42 3.22
N GLN B 131 -29.97 22.39 2.62
CA GLN B 131 -29.85 22.46 1.15
C GLN B 131 -29.97 21.08 0.48
N LEU B 132 -30.37 20.08 1.24
CA LEU B 132 -30.23 18.68 0.82
C LEU B 132 -30.88 18.39 -0.54
N THR B 133 -32.08 18.89 -0.75
CA THR B 133 -32.85 18.57 -1.95
C THR B 133 -32.41 19.38 -3.15
N ASN B 134 -31.43 20.25 -2.97
CA ASN B 134 -30.72 20.83 -4.09
C ASN B 134 -29.44 20.10 -4.40
N ALA B 135 -28.82 19.53 -3.37
CA ALA B 135 -27.46 19.02 -3.51
C ALA B 135 -27.41 17.57 -4.05
N VAL B 136 -28.44 16.77 -3.76
CA VAL B 136 -28.47 15.41 -4.28
C VAL B 136 -29.74 15.12 -5.09
N ARG B 137 -29.52 14.75 -6.35
CA ARG B 137 -30.58 14.57 -7.32
C ARG B 137 -31.07 13.12 -7.31
N PRO B 138 -32.26 12.87 -7.89
CA PRO B 138 -32.71 11.48 -8.07
C PRO B 138 -31.60 10.62 -8.72
N GLY B 139 -31.35 9.44 -8.15
CA GLY B 139 -30.28 8.57 -8.63
C GLY B 139 -29.00 8.73 -7.84
N GLY B 140 -28.83 9.90 -7.25
CA GLY B 140 -27.69 10.16 -6.37
C GLY B 140 -27.76 9.34 -5.10
N SER B 141 -26.64 9.23 -4.41
CA SER B 141 -26.58 8.50 -3.15
C SER B 141 -26.46 9.44 -1.96
N ILE B 142 -26.98 8.97 -0.82
CA ILE B 142 -26.72 9.58 0.47
C ILE B 142 -26.10 8.46 1.29
N TYR B 143 -24.96 8.72 1.92
CA TYR B 143 -24.27 7.72 2.73
C TYR B 143 -24.58 8.01 4.18
N VAL B 144 -24.88 6.96 4.93
CA VAL B 144 -25.24 7.14 6.32
C VAL B 144 -24.30 6.33 7.19
N ASP B 145 -23.81 6.94 8.26
CA ASP B 145 -22.98 6.24 9.26
C ASP B 145 -21.63 5.80 8.71
N ASP B 146 -20.88 6.76 8.20
CA ASP B 146 -19.56 6.52 7.64
C ASP B 146 -19.62 5.53 6.53
N GLY B 147 -20.60 5.71 5.67
CA GLY B 147 -20.72 4.95 4.45
C GLY B 147 -21.32 3.57 4.62
N VAL B 148 -21.60 3.16 5.85
CA VAL B 148 -21.96 1.77 6.09
C VAL B 148 -23.33 1.43 5.56
N MET B 149 -24.26 2.39 5.60
CA MET B 149 -25.54 2.23 4.91
C MET B 149 -25.62 3.19 3.76
N THR B 150 -26.34 2.80 2.70
CA THR B 150 -26.36 3.56 1.46
C THR B 150 -27.81 3.77 1.01
N LEU B 151 -28.17 5.00 0.68
CA LEU B 151 -29.49 5.28 0.11
C LEU B 151 -29.39 5.82 -1.31
N ARG B 152 -30.19 5.25 -2.21
CA ARG B 152 -30.40 5.85 -3.53
C ARG B 152 -31.62 6.77 -3.48
N VAL B 153 -31.44 8.03 -3.85
CA VAL B 153 -32.57 8.95 -4.02
C VAL B 153 -33.42 8.53 -5.21
N VAL B 154 -34.68 8.21 -4.94
CA VAL B 154 -35.61 7.84 -5.99
C VAL B 154 -36.30 9.07 -6.56
N SER B 155 -36.75 9.98 -5.68
CA SER B 155 -37.37 11.21 -6.14
C SER B 155 -37.50 12.30 -5.08
N LYS B 156 -37.73 13.53 -5.55
CA LYS B 156 -38.03 14.68 -4.69
C LYS B 156 -39.53 14.77 -4.48
N GLU B 157 -39.98 14.76 -3.22
CA GLU B 157 -41.44 14.81 -2.95
C GLU B 157 -41.94 16.25 -2.78
N ASP B 158 -41.25 17.01 -1.94
CA ASP B 158 -41.37 18.45 -1.95
C ASP B 158 -39.99 19.05 -1.76
N ASP B 159 -39.93 20.36 -1.52
CA ASP B 159 -38.65 21.03 -1.49
C ASP B 159 -37.86 20.74 -0.20
N ARG B 160 -38.40 19.85 0.64
CA ARG B 160 -37.70 19.47 1.87
C ARG B 160 -37.61 17.94 2.10
N THR B 161 -37.98 17.15 1.11
CA THR B 161 -38.19 15.72 1.33
C THR B 161 -37.77 14.93 0.11
N LEU B 162 -36.94 13.92 0.33
CA LEU B 162 -36.64 12.95 -0.71
C LEU B 162 -37.13 11.54 -0.35
N LYS B 163 -37.69 10.84 -1.32
CA LYS B 163 -37.95 9.42 -1.20
CA LYS B 163 -37.97 9.42 -1.20
C LYS B 163 -36.70 8.65 -1.57
N CYS B 164 -36.28 7.75 -0.72
CA CYS B 164 -35.02 7.03 -0.93
C CYS B 164 -35.18 5.54 -0.84
N HIS B 165 -34.29 4.83 -1.53
CA HIS B 165 -34.27 3.38 -1.49
C HIS B 165 -33.11 2.93 -0.65
N VAL B 166 -33.39 2.08 0.32
CA VAL B 166 -32.32 1.55 1.18
C VAL B 166 -31.54 0.40 0.49
N ASN B 167 -30.21 0.50 0.42
CA ASN B 167 -29.40 -0.50 -0.33
C ASN B 167 -28.93 -1.72 0.43
N ASN B 168 -28.78 -1.60 1.74
CA ASN B 168 -28.21 -2.69 2.53
C ASN B 168 -28.74 -2.72 3.96
N HIS B 169 -28.61 -3.89 4.59
CA HIS B 169 -28.96 -4.05 6.01
C HIS B 169 -28.17 -3.13 6.88
N HIS B 170 -28.86 -2.45 7.82
CA HIS B 170 -28.19 -1.65 8.82
C HIS B 170 -29.12 -1.16 9.91
N ARG B 171 -28.55 -0.96 11.09
CA ARG B 171 -29.28 -0.50 12.27
C ARG B 171 -28.82 0.95 12.59
N LEU B 172 -29.73 1.91 12.51
CA LEU B 172 -29.36 3.30 12.80
C LEU B 172 -29.64 3.63 14.25
N THR B 173 -28.71 4.28 14.91
CA THR B 173 -29.01 4.93 16.19
C THR B 173 -29.07 6.44 16.02
N ASP B 174 -29.25 7.15 17.12
CA ASP B 174 -29.47 8.58 17.07
C ASP B 174 -28.25 9.29 16.46
N ARG B 175 -28.53 10.21 15.53
CA ARG B 175 -27.56 11.23 15.10
C ARG B 175 -26.31 10.64 14.46
N ARG B 176 -26.50 9.82 13.42
CA ARG B 176 -25.36 9.26 12.70
C ARG B 176 -24.79 10.25 11.67
N GLY B 177 -23.51 10.09 11.35
CA GLY B 177 -22.89 10.87 10.30
C GLY B 177 -23.58 10.70 8.96
N ILE B 178 -23.60 11.76 8.17
CA ILE B 178 -24.13 11.73 6.80
C ILE B 178 -23.04 12.24 5.83
N ASN B 179 -22.83 11.51 4.74
CA ASN B 179 -22.00 12.04 3.65
C ASN B 179 -22.79 12.12 2.37
N LEU B 180 -22.53 13.16 1.59
CA LEU B 180 -23.16 13.34 0.30
C LEU B 180 -22.08 13.25 -0.79
N PRO B 181 -21.83 12.04 -1.30
CA PRO B 181 -20.67 11.84 -2.18
C PRO B 181 -20.83 12.60 -3.51
N GLY B 182 -19.85 13.41 -3.86
CA GLY B 182 -19.88 14.12 -5.14
C GLY B 182 -20.77 15.35 -5.15
N CYS B 183 -21.26 15.77 -3.97
CA CYS B 183 -22.13 16.95 -3.89
C CYS B 183 -21.36 18.11 -3.26
N GLU B 184 -21.50 19.30 -3.82
CA GLU B 184 -20.98 20.50 -3.13
C GLU B 184 -21.72 20.63 -1.81
N VAL B 185 -21.04 21.12 -0.79
CA VAL B 185 -21.61 21.15 0.52
C VAL B 185 -21.33 22.49 1.12
N ASP B 186 -22.39 23.24 1.38
CA ASP B 186 -22.27 24.63 1.79
C ASP B 186 -22.42 24.74 3.30
N LEU B 187 -21.36 24.31 3.99
CA LEU B 187 -21.24 24.43 5.44
C LEU B 187 -20.10 25.38 5.73
N PRO B 188 -20.16 26.07 6.86
CA PRO B 188 -19.14 27.09 7.10
C PRO B 188 -17.78 26.45 7.43
N ALA B 189 -16.71 27.17 7.16
CA ALA B 189 -15.38 26.62 7.37
C ALA B 189 -15.21 26.31 8.83
N VAL B 190 -15.73 27.18 9.66
CA VAL B 190 -15.60 27.00 11.08
C VAL B 190 -16.95 27.01 11.79
N SER B 191 -17.26 25.88 12.42
CA SER B 191 -18.41 25.78 13.31
C SER B 191 -18.19 26.61 14.60
N GLU B 192 -19.26 26.77 15.38
CA GLU B 192 -19.21 27.53 16.64
C GLU B 192 -18.24 26.87 17.63
N LYS B 193 -18.37 25.56 17.74
CA LYS B 193 -17.47 24.74 18.54
C LYS B 193 -16.00 24.89 18.10
N ASP B 194 -15.76 24.97 16.79
CA ASP B 194 -14.39 25.14 16.27
C ASP B 194 -13.75 26.47 16.73
N ARG B 195 -14.51 27.57 16.63
CA ARG B 195 -14.09 28.88 17.17
C ARG B 195 -13.57 28.83 18.58
N LYS B 196 -14.32 28.19 19.46
CA LYS B 196 -13.87 28.03 20.83
C LYS B 196 -12.66 27.12 20.91
N ASP B 197 -12.59 26.14 20.02
CA ASP B 197 -11.44 25.26 19.98
C ASP B 197 -10.16 25.98 19.46
N LEU B 198 -10.32 26.81 18.42
CA LEU B 198 -9.19 27.58 17.87
C LEU B 198 -8.70 28.66 18.85
N GLU B 199 -9.65 29.38 19.44
CA GLU B 199 -9.34 30.30 20.53
C GLU B 199 -8.49 29.63 21.59
N PHE B 200 -8.90 28.44 22.02
CA PHE B 200 -8.13 27.70 23.00
C PHE B 200 -6.70 27.44 22.48
N GLY B 201 -6.60 26.93 21.24
CA GLY B 201 -5.29 26.65 20.63
C GLY B 201 -4.36 27.86 20.54
N VAL B 202 -4.91 29.00 20.13
CA VAL B 202 -4.15 30.24 20.10
C VAL B 202 -3.66 30.62 21.51
N ALA B 203 -4.56 30.59 22.49
CA ALA B 203 -4.19 30.86 23.87
C ALA B 203 -3.09 29.91 24.35
N GLN B 204 -3.20 28.60 24.04
CA GLN B 204 -2.19 27.63 24.58
C GLN B 204 -0.91 27.53 23.75
N GLY B 205 -0.84 28.31 22.68
CA GLY B 205 0.35 28.31 21.84
C GLY B 205 0.57 27.02 21.02
N VAL B 206 -0.48 26.46 20.43
CA VAL B 206 -0.30 25.32 19.50
C VAL B 206 0.48 25.74 18.24
N ASP B 207 1.21 24.80 17.68
CA ASP B 207 2.06 25.10 16.53
C ASP B 207 1.37 25.00 15.15
N MET B 208 0.23 24.29 15.09
CA MET B 208 -0.42 24.09 13.82
C MET B 208 -1.83 23.61 14.05
N ILE B 209 -2.73 23.98 13.15
CA ILE B 209 -4.08 23.47 13.14
C ILE B 209 -4.17 22.44 12.02
N PHE B 210 -4.75 21.26 12.30
CA PHE B 210 -5.24 20.41 11.23
C PHE B 210 -6.69 20.69 10.94
N ALA B 211 -6.96 21.42 9.88
CA ALA B 211 -8.30 21.96 9.70
C ALA B 211 -9.19 21.01 8.89
N SER B 212 -10.28 20.56 9.50
CA SER B 212 -11.14 19.54 8.91
C SER B 212 -11.97 20.04 7.74
N PHE B 213 -12.23 19.13 6.79
CA PHE B 213 -13.28 19.30 5.80
C PHE B 213 -13.09 20.57 4.99
N ILE B 214 -11.86 20.82 4.57
CA ILE B 214 -11.55 22.01 3.77
C ILE B 214 -11.89 21.77 2.32
N ARG B 215 -12.79 22.59 1.78
CA ARG B 215 -13.31 22.41 0.43
C ARG B 215 -12.86 23.48 -0.54
N THR B 216 -12.47 24.64 -0.04
CA THR B 216 -12.16 25.78 -0.89
C THR B 216 -11.06 26.61 -0.23
N ALA B 217 -10.34 27.35 -1.04
CA ALA B 217 -9.37 28.31 -0.54
C ALA B 217 -10.01 29.35 0.40
N GLU B 218 -11.25 29.75 0.10
CA GLU B 218 -11.94 30.74 0.93
C GLU B 218 -12.07 30.20 2.36
N GLN B 219 -12.43 28.94 2.47
CA GLN B 219 -12.49 28.30 3.77
C GLN B 219 -11.14 28.28 4.52
N VAL B 220 -10.03 28.09 3.81
CA VAL B 220 -8.72 28.23 4.46
C VAL B 220 -8.55 29.65 5.02
N ARG B 221 -8.88 30.65 4.21
CA ARG B 221 -8.85 32.05 4.68
C ARG B 221 -9.76 32.36 5.90
N GLU B 222 -10.94 31.77 5.93
CA GLU B 222 -11.79 31.90 7.11
C GLU B 222 -11.16 31.25 8.33
N VAL B 223 -10.43 30.14 8.14
CA VAL B 223 -9.69 29.57 9.27
C VAL B 223 -8.56 30.50 9.70
N ARG B 224 -7.87 31.13 8.76
CA ARG B 224 -6.81 32.07 9.12
C ARG B 224 -7.41 33.26 9.89
N ALA B 225 -8.57 33.71 9.43
CA ALA B 225 -9.25 34.86 10.04
C ALA B 225 -9.67 34.55 11.48
N ALA B 226 -10.28 33.39 11.69
CA ALA B 226 -10.64 32.94 13.03
C ALA B 226 -9.43 32.87 14.00
N LEU B 227 -8.23 32.61 13.46
CA LEU B 227 -7.04 32.60 14.31
C LEU B 227 -6.61 34.01 14.69
N GLY B 228 -7.08 35.01 13.94
CA GLY B 228 -6.87 36.42 14.30
C GLY B 228 -5.41 36.79 14.32
N GLU B 229 -5.12 37.96 14.87
CA GLU B 229 -3.75 38.45 14.89
C GLU B 229 -2.84 37.61 15.79
N LYS B 230 -3.34 37.22 16.96
CA LYS B 230 -2.58 36.43 17.90
C LYS B 230 -2.09 35.09 17.30
N GLY B 231 -2.86 34.53 16.36
CA GLY B 231 -2.53 33.23 15.77
C GLY B 231 -2.02 33.30 14.33
N LYS B 232 -1.58 34.47 13.89
CA LYS B 232 -1.09 34.64 12.51
C LYS B 232 0.10 33.72 12.13
N ASP B 233 0.80 33.18 13.13
CA ASP B 233 2.02 32.40 12.89
C ASP B 233 1.79 30.88 12.94
N ILE B 234 0.58 30.48 13.25
CA ILE B 234 0.28 29.07 13.41
C ILE B 234 0.01 28.48 12.02
N LEU B 235 0.67 27.36 11.71
CA LEU B 235 0.45 26.69 10.40
C LEU B 235 -0.99 26.23 10.27
N ILE B 236 -1.54 26.39 9.08
CA ILE B 236 -2.80 25.74 8.74
C ILE B 236 -2.57 24.60 7.76
N ILE B 237 -2.80 23.38 8.24
CA ILE B 237 -2.67 22.19 7.41
C ILE B 237 -4.08 21.80 7.05
N SER B 238 -4.48 21.96 5.79
CA SER B 238 -5.85 21.64 5.38
C SER B 238 -6.03 20.16 5.14
N LYS B 239 -7.09 19.61 5.74
CA LYS B 239 -7.39 18.21 5.59
C LYS B 239 -8.29 18.05 4.38
N ILE B 240 -7.81 17.30 3.39
CA ILE B 240 -8.59 17.05 2.20
C ILE B 240 -9.48 15.82 2.39
N GLU B 241 -10.80 16.01 2.44
CA GLU B 241 -11.73 15.00 2.97
C GLU B 241 -12.86 14.60 2.02
N ASN B 242 -13.01 15.30 0.89
CA ASN B 242 -14.08 15.01 -0.04
C ASN B 242 -13.76 15.46 -1.45
N HIS B 243 -14.72 15.30 -2.35
CA HIS B 243 -14.40 15.49 -3.75
C HIS B 243 -14.04 16.94 -4.00
N GLN B 244 -14.68 17.89 -3.28
CA GLN B 244 -14.44 19.32 -3.56
C GLN B 244 -13.02 19.67 -3.18
N GLY B 245 -12.62 19.25 -1.99
CA GLY B 245 -11.23 19.29 -1.58
C GLY B 245 -10.29 18.87 -2.69
N VAL B 246 -10.57 17.72 -3.31
CA VAL B 246 -9.68 17.18 -4.32
C VAL B 246 -9.73 18.03 -5.57
N GLN B 247 -10.93 18.44 -5.96
CA GLN B 247 -11.09 19.29 -7.14
C GLN B 247 -10.36 20.64 -6.99
N ASN B 248 -10.42 21.25 -5.82
CA ASN B 248 -9.86 22.60 -5.60
C ASN B 248 -8.46 22.57 -4.99
N ILE B 249 -7.78 21.43 -5.12
CA ILE B 249 -6.55 21.22 -4.41
C ILE B 249 -5.53 22.33 -4.72
N ASP B 250 -5.42 22.74 -5.98
CA ASP B 250 -4.42 23.77 -6.33
C ASP B 250 -4.55 25.03 -5.49
N SER B 251 -5.75 25.58 -5.47
CA SER B 251 -6.01 26.81 -4.77
C SER B 251 -6.04 26.61 -3.24
N ILE B 252 -6.38 25.41 -2.78
CA ILE B 252 -6.26 25.07 -1.36
C ILE B 252 -4.80 24.97 -0.93
N ILE B 253 -3.96 24.44 -1.81
CA ILE B 253 -2.54 24.33 -1.49
C ILE B 253 -1.94 25.73 -1.42
N GLU B 254 -2.33 26.58 -2.36
CA GLU B 254 -1.84 27.95 -2.35
C GLU B 254 -2.18 28.69 -1.05
N ALA B 255 -3.39 28.48 -0.53
CA ALA B 255 -3.81 29.18 0.70
C ALA B 255 -3.29 28.57 1.99
N SER B 256 -2.87 27.30 1.98
CA SER B 256 -2.55 26.61 3.24
C SER B 256 -1.07 26.64 3.47
N ASN B 257 -0.62 26.26 4.67
CA ASN B 257 0.79 25.98 4.91
C ASN B 257 1.12 24.55 4.60
N GLY B 258 0.11 23.71 4.42
CA GLY B 258 0.31 22.28 4.29
C GLY B 258 -0.97 21.52 4.07
N ILE B 259 -0.84 20.22 3.78
CA ILE B 259 -1.96 19.40 3.45
C ILE B 259 -1.95 18.06 4.21
N MET B 260 -3.14 17.62 4.58
CA MET B 260 -3.31 16.24 5.05
C MET B 260 -4.26 15.51 4.15
N VAL B 261 -3.76 14.41 3.61
CA VAL B 261 -4.60 13.51 2.87
C VAL B 261 -5.34 12.69 3.87
N ALA B 262 -6.54 13.14 4.20
CA ALA B 262 -7.32 12.54 5.28
C ALA B 262 -8.07 11.34 4.72
N ARG B 263 -7.35 10.25 4.54
CA ARG B 263 -7.89 9.14 3.78
C ARG B 263 -9.16 8.54 4.36
N GLY B 264 -9.35 8.66 5.66
CA GLY B 264 -10.50 8.02 6.33
C GLY B 264 -11.82 8.58 5.83
N ASP B 265 -12.00 9.90 5.98
CA ASP B 265 -13.20 10.57 5.45
C ASP B 265 -13.22 10.58 3.93
N LEU B 266 -12.04 10.67 3.33
CA LEU B 266 -11.97 10.77 1.90
C LEU B 266 -12.49 9.45 1.27
N GLY B 267 -12.17 8.32 1.93
CA GLY B 267 -12.60 6.98 1.44
C GLY B 267 -14.08 6.69 1.66
N VAL B 268 -14.73 7.52 2.47
CA VAL B 268 -16.17 7.49 2.55
C VAL B 268 -16.79 8.34 1.44
N GLU B 269 -16.18 9.48 1.13
CA GLU B 269 -16.78 10.44 0.20
C GLU B 269 -16.61 10.04 -1.28
N ILE B 270 -15.47 9.42 -1.60
CA ILE B 270 -15.22 9.01 -2.98
C ILE B 270 -14.93 7.54 -2.92
N PRO B 271 -15.07 6.83 -4.05
CA PRO B 271 -14.88 5.37 -4.00
C PRO B 271 -13.50 5.04 -3.37
N ALA B 272 -13.43 3.99 -2.55
CA ALA B 272 -12.20 3.67 -1.79
C ALA B 272 -11.00 3.52 -2.73
N GLU B 273 -11.25 2.96 -3.90
CA GLU B 273 -10.19 2.73 -4.87
C GLU B 273 -9.62 4.02 -5.49
N LYS B 274 -10.40 5.09 -5.52
CA LYS B 274 -9.91 6.36 -6.06
C LYS B 274 -9.04 7.14 -5.04
N VAL B 275 -9.08 6.73 -3.76
CA VAL B 275 -8.21 7.33 -2.75
C VAL B 275 -6.69 7.23 -3.11
N CYS B 276 -6.26 6.14 -3.73
CA CYS B 276 -4.85 6.05 -4.14
CA CYS B 276 -4.86 6.05 -4.14
C CYS B 276 -4.51 7.02 -5.24
N VAL B 277 -5.44 7.26 -6.16
CA VAL B 277 -5.21 8.27 -7.18
C VAL B 277 -5.11 9.64 -6.53
N ALA B 278 -6.04 9.96 -5.64
CA ALA B 278 -6.05 11.25 -4.99
C ALA B 278 -4.74 11.44 -4.20
N GLN B 279 -4.35 10.42 -3.46
CA GLN B 279 -3.16 10.47 -2.64
C GLN B 279 -1.93 10.79 -3.48
N MET B 280 -1.77 10.08 -4.59
CA MET B 280 -0.59 10.26 -5.40
C MET B 280 -0.57 11.68 -5.96
N CYS B 281 -1.74 12.15 -6.37
CA CYS B 281 -1.85 13.46 -6.98
C CYS B 281 -1.56 14.59 -5.98
N ILE B 282 -2.26 14.56 -4.85
CA ILE B 282 -2.08 15.54 -3.79
C ILE B 282 -0.63 15.60 -3.25
N ILE B 283 -0.01 14.44 -2.97
CA ILE B 283 1.33 14.46 -2.44
C ILE B 283 2.26 15.13 -3.45
N SER B 284 2.22 14.66 -4.68
CA SER B 284 3.05 15.22 -5.74
C SER B 284 2.83 16.71 -5.95
N LYS B 285 1.58 17.19 -5.85
CA LYS B 285 1.33 18.60 -6.03
C LYS B 285 1.93 19.41 -4.88
N CYS B 286 1.85 18.89 -3.68
CA CYS B 286 2.51 19.55 -2.57
C CYS B 286 4.03 19.56 -2.71
N ASN B 287 4.59 18.45 -3.21
CA ASN B 287 6.06 18.36 -3.43
C ASN B 287 6.49 19.44 -4.42
N VAL B 288 5.67 19.64 -5.45
CA VAL B 288 6.00 20.59 -6.50
C VAL B 288 6.06 22.03 -6.00
N VAL B 289 5.15 22.40 -5.09
CA VAL B 289 5.22 23.74 -4.51
C VAL B 289 6.02 23.82 -3.21
N GLY B 290 6.44 22.68 -2.68
CA GLY B 290 7.31 22.70 -1.49
C GLY B 290 6.56 23.01 -0.21
N LYS B 291 5.37 22.41 -0.06
CA LYS B 291 4.62 22.47 1.17
C LYS B 291 4.43 21.09 1.79
N PRO B 292 4.55 21.02 3.11
CA PRO B 292 4.54 19.73 3.80
C PRO B 292 3.22 19.01 3.57
N VAL B 293 3.30 17.70 3.41
CA VAL B 293 2.11 16.91 3.25
C VAL B 293 2.15 15.68 4.14
N ILE B 294 1.02 15.42 4.80
CA ILE B 294 0.88 14.33 5.74
C ILE B 294 -0.07 13.30 5.17
N CYS B 295 0.37 12.05 5.13
CA CYS B 295 -0.52 10.95 4.80
C CYS B 295 -1.12 10.35 6.09
N ALA B 296 -2.43 10.14 6.12
CA ALA B 296 -3.14 9.75 7.35
C ALA B 296 -4.07 8.53 7.18
N THR B 297 -4.23 7.79 8.27
CA THR B 297 -5.41 6.99 8.55
C THR B 297 -5.22 5.53 8.20
N GLN B 298 -5.18 4.69 9.23
CA GLN B 298 -5.19 3.25 9.08
C GLN B 298 -3.90 2.71 8.51
N MET B 299 -2.83 3.47 8.63
CA MET B 299 -1.58 3.03 8.06
C MET B 299 -1.06 1.76 8.68
N LEU B 300 -1.26 1.61 9.99
CA LEU B 300 -0.77 0.45 10.73
C LEU B 300 -1.88 -0.04 11.66
N GLU B 301 -3.10 0.01 11.16
CA GLU B 301 -4.30 -0.18 11.93
C GLU B 301 -4.28 -1.44 12.82
N SER B 302 -3.99 -2.59 12.24
CA SER B 302 -4.06 -3.81 12.99
C SER B 302 -3.14 -3.80 14.22
N MET B 303 -2.14 -2.93 14.23
CA MET B 303 -1.28 -2.79 15.42
C MET B 303 -1.99 -2.09 16.59
N THR B 304 -3.18 -1.57 16.36
CA THR B 304 -4.05 -1.23 17.46
C THR B 304 -4.18 -2.40 18.43
N SER B 305 -4.19 -3.63 17.89
CA SER B 305 -4.47 -4.85 18.67
C SER B 305 -3.37 -5.91 18.62
N ASN B 306 -2.53 -5.86 17.57
CA ASN B 306 -1.47 -6.86 17.39
C ASN B 306 -0.11 -6.24 17.48
N PRO B 307 0.90 -7.04 17.83
CA PRO B 307 2.21 -6.47 18.11
C PRO B 307 3.05 -6.33 16.85
N ARG B 308 2.56 -6.88 15.72
CA ARG B 308 3.23 -6.79 14.39
C ARG B 308 2.18 -6.28 13.41
N PRO B 309 2.63 -5.62 12.34
CA PRO B 309 1.65 -5.11 11.34
C PRO B 309 1.37 -6.14 10.23
N THR B 310 0.23 -6.01 9.54
CA THR B 310 -0.01 -6.78 8.31
C THR B 310 0.96 -6.38 7.18
N ARG B 311 1.15 -7.28 6.23
CA ARG B 311 1.91 -7.00 5.04
C ARG B 311 1.37 -5.76 4.27
N ALA B 312 0.04 -5.65 4.12
CA ALA B 312 -0.56 -4.48 3.48
C ALA B 312 -0.10 -3.19 4.14
N GLU B 313 0.06 -3.24 5.45
CA GLU B 313 0.25 -2.07 6.24
C GLU B 313 1.67 -1.62 6.07
N VAL B 314 2.58 -2.57 6.05
CA VAL B 314 3.94 -2.22 5.82
C VAL B 314 4.11 -1.54 4.45
N SER B 315 3.44 -2.07 3.44
CA SER B 315 3.61 -1.50 2.13
C SER B 315 2.97 -0.10 2.05
N ASP B 316 1.88 0.10 2.80
CA ASP B 316 1.16 1.37 2.80
C ASP B 316 2.09 2.49 3.28
N VAL B 317 2.77 2.23 4.38
CA VAL B 317 3.71 3.22 4.90
C VAL B 317 4.90 3.43 3.95
N ALA B 318 5.48 2.34 3.44
CA ALA B 318 6.58 2.49 2.52
C ALA B 318 6.17 3.30 1.31
N ASN B 319 4.98 3.04 0.80
CA ASN B 319 4.53 3.68 -0.41
C ASN B 319 4.15 5.14 -0.28
N ALA B 320 3.70 5.52 0.90
CA ALA B 320 3.41 6.94 1.16
C ALA B 320 4.72 7.71 1.16
N VAL B 321 5.77 7.10 1.70
CA VAL B 321 7.13 7.65 1.65
C VAL B 321 7.67 7.74 0.23
N LEU B 322 7.51 6.67 -0.53
CA LEU B 322 7.95 6.69 -1.94
C LEU B 322 7.13 7.68 -2.79
N ASN B 323 5.83 7.80 -2.51
CA ASN B 323 4.98 8.80 -3.19
C ASN B 323 5.52 10.20 -3.00
N GLY B 324 6.15 10.46 -1.83
CA GLY B 324 6.78 11.77 -1.54
C GLY B 324 6.31 12.48 -0.28
N ALA B 325 5.56 11.78 0.56
CA ALA B 325 4.96 12.41 1.73
C ALA B 325 6.02 12.82 2.78
N ASP B 326 5.89 14.01 3.38
CA ASP B 326 6.83 14.41 4.45
C ASP B 326 6.58 13.58 5.67
N CYS B 327 5.30 13.46 6.03
CA CYS B 327 4.88 12.84 7.25
C CYS B 327 3.92 11.71 6.99
N VAL B 328 3.96 10.73 7.90
CA VAL B 328 2.93 9.76 8.07
C VAL B 328 2.37 9.82 9.49
N MET B 329 1.16 9.36 9.66
CA MET B 329 0.41 9.69 10.85
C MET B 329 -0.16 8.42 11.46
N LEU B 330 -0.37 8.45 12.77
CA LEU B 330 -1.04 7.38 13.48
C LEU B 330 -2.21 7.98 14.26
N SER B 331 -3.35 7.30 14.25
CA SER B 331 -4.54 7.76 14.98
C SER B 331 -4.80 6.81 16.14
N GLY B 332 -5.80 5.93 15.95
CA GLY B 332 -6.13 4.92 16.94
C GLY B 332 -4.91 4.15 17.43
N GLU B 333 -3.91 3.99 16.56
CA GLU B 333 -2.80 3.10 16.84
C GLU B 333 -2.04 3.57 18.09
N THR B 334 -1.96 4.88 18.27
CA THR B 334 -1.34 5.46 19.47
C THR B 334 -2.35 6.13 20.44
N ALA B 335 -3.51 6.53 19.96
CA ALA B 335 -4.49 7.15 20.86
C ALA B 335 -5.02 6.08 21.83
N LYS B 336 -5.31 4.90 21.30
CA LYS B 336 -5.98 3.87 22.09
C LYS B 336 -5.49 2.45 21.94
N GLY B 337 -4.40 2.23 21.22
CA GLY B 337 -3.98 0.85 20.94
C GLY B 337 -3.15 0.27 22.05
N LYS B 338 -2.93 -1.04 22.00
CA LYS B 338 -2.17 -1.71 23.04
C LYS B 338 -0.66 -1.55 22.89
N TYR B 339 -0.20 -1.12 21.71
CA TYR B 339 1.24 -1.15 21.39
C TYR B 339 1.75 0.19 20.82
N PRO B 340 1.38 1.31 21.46
CA PRO B 340 1.76 2.63 20.95
C PRO B 340 3.26 2.75 20.63
N ASN B 341 4.13 2.17 21.45
CA ASN B 341 5.56 2.33 21.22
C ASN B 341 6.04 1.52 20.07
N GLU B 342 5.62 0.27 20.02
CA GLU B 342 6.03 -0.63 18.98
C GLU B 342 5.55 -0.12 17.62
N VAL B 343 4.37 0.49 17.59
CA VAL B 343 3.79 0.88 16.32
C VAL B 343 4.58 2.03 15.69
N VAL B 344 4.94 3.02 16.53
CA VAL B 344 5.82 4.11 16.14
C VAL B 344 7.23 3.62 15.74
N GLN B 345 7.69 2.56 16.39
CA GLN B 345 9.00 2.02 16.07
C GLN B 345 9.03 1.35 14.71
N TYR B 346 7.99 0.55 14.44
CA TYR B 346 7.80 -0.05 13.12
C TYR B 346 7.68 1.03 12.05
N MET B 347 6.88 2.05 12.33
CA MET B 347 6.68 3.12 11.34
C MET B 347 8.00 3.85 11.05
N ALA B 348 8.78 4.12 12.09
CA ALA B 348 10.16 4.61 11.92
C ALA B 348 11.04 3.68 11.05
N ARG B 349 10.94 2.38 11.27
CA ARG B 349 11.80 1.44 10.54
C ARG B 349 11.37 1.35 9.10
N ILE B 350 10.05 1.33 8.87
CA ILE B 350 9.53 1.22 7.53
C ILE B 350 9.95 2.47 6.73
N CYS B 351 9.77 3.66 7.33
CA CYS B 351 10.22 4.92 6.72
C CYS B 351 11.66 4.85 6.27
N VAL B 352 12.53 4.35 7.14
CA VAL B 352 13.95 4.35 6.88
C VAL B 352 14.24 3.47 5.68
N GLU B 353 13.56 2.32 5.60
CA GLU B 353 13.72 1.40 4.44
C GLU B 353 13.26 2.03 3.14
N ALA B 354 12.09 2.67 3.16
CA ALA B 354 11.60 3.32 1.95
C ALA B 354 12.58 4.43 1.51
N GLN B 355 12.99 5.26 2.47
CA GLN B 355 14.05 6.25 2.26
C GLN B 355 15.30 5.67 1.62
N SER B 356 15.75 4.52 2.08
CA SER B 356 17.02 3.95 1.54
C SER B 356 16.82 3.36 0.17
N ALA B 357 15.58 2.97 -0.12
CA ALA B 357 15.29 2.40 -1.40
C ALA B 357 14.89 3.52 -2.44
N THR B 358 14.78 4.76 -1.97
CA THR B 358 14.50 5.87 -2.87
C THR B 358 15.73 6.21 -3.75
N HIS B 359 15.50 6.41 -5.05
CA HIS B 359 16.55 6.93 -5.89
C HIS B 359 16.87 8.38 -5.54
N ASP B 360 18.07 8.58 -5.00
CA ASP B 360 18.61 9.89 -4.56
C ASP B 360 18.07 11.13 -5.29
N THR B 361 18.33 11.23 -6.60
CA THR B 361 18.36 12.49 -7.29
C THR B 361 17.14 12.60 -8.18
N VAL B 362 16.29 11.58 -8.23
CA VAL B 362 15.16 11.59 -9.14
C VAL B 362 14.08 12.58 -8.72
N MET B 363 13.81 12.67 -7.42
CA MET B 363 12.89 13.65 -6.90
C MET B 363 13.45 15.04 -7.14
N PHE B 364 14.71 15.23 -6.79
CA PHE B 364 15.36 16.50 -6.96
C PHE B 364 15.18 17.00 -8.39
N ASN B 365 15.59 16.18 -9.38
CA ASN B 365 15.44 16.58 -10.75
C ASN B 365 14.01 16.82 -11.19
N SER B 366 13.10 15.95 -10.77
CA SER B 366 11.71 16.05 -11.19
C SER B 366 11.09 17.32 -10.64
N ILE B 367 11.39 17.61 -9.39
CA ILE B 367 10.85 18.77 -8.77
C ILE B 367 11.41 20.07 -9.41
N LYS B 368 12.71 20.09 -9.65
CA LYS B 368 13.41 21.23 -10.21
C LYS B 368 12.94 21.50 -11.65
N ASN B 369 12.66 20.43 -12.38
CA ASN B 369 12.22 20.61 -13.74
C ASN B 369 10.84 21.26 -13.92
N LEU B 370 10.03 21.32 -12.86
CA LEU B 370 8.68 21.86 -13.02
C LEU B 370 8.55 23.26 -12.46
N GLN B 371 9.64 23.81 -11.93
CA GLN B 371 9.64 25.17 -11.42
C GLN B 371 9.62 26.19 -12.55
N LYS B 372 8.86 27.26 -12.37
CA LYS B 372 8.88 28.34 -13.32
C LYS B 372 10.26 29.07 -13.29
N ILE B 373 10.82 29.33 -14.45
CA ILE B 373 12.01 30.15 -14.58
C ILE B 373 11.56 31.51 -15.07
N PRO B 374 12.11 32.59 -14.50
CA PRO B 374 13.20 32.66 -13.50
C PRO B 374 12.68 32.38 -12.07
N MET B 375 13.54 31.87 -11.19
CA MET B 375 13.19 31.55 -9.84
C MET B 375 13.50 32.80 -9.08
N CYS B 376 12.95 32.94 -7.89
CA CYS B 376 13.46 33.91 -6.93
CA CYS B 376 13.48 33.92 -6.96
C CYS B 376 14.87 33.51 -6.53
N PRO B 377 15.67 34.47 -6.10
CA PRO B 377 17.04 34.03 -5.89
C PRO B 377 17.21 33.11 -4.69
N GLU B 378 16.36 33.21 -3.67
CA GLU B 378 16.53 32.28 -2.53
C GLU B 378 16.26 30.86 -2.96
N GLU B 379 15.35 30.69 -3.92
CA GLU B 379 15.04 29.36 -4.35
C GLU B 379 16.15 28.79 -5.28
N ALA B 380 16.71 29.63 -6.14
CA ALA B 380 17.93 29.25 -6.87
C ALA B 380 19.06 28.83 -5.89
N VAL B 381 19.24 29.60 -4.81
CA VAL B 381 20.32 29.32 -3.85
C VAL B 381 20.06 27.96 -3.21
N CYS B 382 18.79 27.67 -2.94
CA CYS B 382 18.43 26.50 -2.18
C CYS B 382 18.48 25.23 -3.02
N SER B 383 17.88 25.26 -4.22
CA SER B 383 18.03 24.16 -5.15
C SER B 383 19.50 23.88 -5.51
N SER B 384 20.28 24.91 -5.73
CA SER B 384 21.69 24.72 -6.13
CA SER B 384 21.68 24.70 -6.12
C SER B 384 22.53 24.21 -4.95
N ALA B 385 22.14 24.57 -3.76
CA ALA B 385 22.78 24.04 -2.56
C ALA B 385 22.54 22.51 -2.48
N VAL B 386 21.30 22.10 -2.75
CA VAL B 386 21.00 20.69 -2.70
C VAL B 386 21.75 19.99 -3.82
N ALA B 387 21.78 20.60 -5.00
CA ALA B 387 22.56 20.01 -6.08
C ALA B 387 24.04 19.80 -5.63
N SER B 388 24.60 20.83 -5.03
CA SER B 388 25.99 20.78 -4.69
C SER B 388 26.20 19.77 -3.54
N ALA B 389 25.14 19.56 -2.74
CA ALA B 389 25.20 18.48 -1.75
C ALA B 389 25.24 17.07 -2.37
N PHE B 390 24.60 16.87 -3.49
CA PHE B 390 24.72 15.58 -4.18
C PHE B 390 26.08 15.45 -4.82
N GLU B 391 26.62 16.57 -5.31
CA GLU B 391 27.86 16.55 -6.04
CA GLU B 391 27.86 16.53 -6.04
C GLU B 391 29.06 16.17 -5.16
N VAL B 392 29.08 16.65 -3.91
CA VAL B 392 30.19 16.35 -2.98
C VAL B 392 29.83 15.27 -2.00
N GLN B 393 28.68 14.63 -2.18
CA GLN B 393 28.19 13.60 -1.26
C GLN B 393 28.16 14.15 0.16
N ALA B 394 27.69 15.38 0.31
CA ALA B 394 27.67 16.02 1.62
C ALA B 394 26.90 15.16 2.61
N LYS B 395 27.34 15.15 3.87
CA LYS B 395 26.66 14.37 4.90
C LYS B 395 25.62 15.14 5.68
N ALA B 396 25.66 16.46 5.58
CA ALA B 396 24.62 17.28 6.14
C ALA B 396 24.58 18.59 5.39
N MET B 397 23.46 19.27 5.49
CA MET B 397 23.36 20.66 5.10
C MET B 397 23.01 21.43 6.34
N LEU B 398 23.28 22.73 6.32
CA LEU B 398 23.01 23.58 7.45
C LEU B 398 22.37 24.87 6.90
N VAL B 399 21.26 25.30 7.46
CA VAL B 399 20.63 26.54 6.98
C VAL B 399 20.20 27.39 8.18
N LEU B 400 20.35 28.70 8.07
CA LEU B 400 19.83 29.62 9.07
C LEU B 400 18.42 30.03 8.67
N SER B 401 17.43 29.70 9.49
CA SER B 401 16.07 30.11 9.18
C SER B 401 15.34 30.55 10.40
N ASN B 402 14.73 31.73 10.33
CA ASN B 402 13.98 32.23 11.45
C ASN B 402 12.51 31.88 11.37
N THR B 403 11.92 32.01 10.19
CA THR B 403 10.51 31.71 10.04
C THR B 403 10.33 30.22 9.70
N GLY B 404 11.41 29.58 9.24
CA GLY B 404 11.32 28.22 8.72
C GLY B 404 11.24 28.14 7.19
N ARG B 405 11.05 29.29 6.54
CA ARG B 405 10.92 29.37 5.11
C ARG B 405 12.11 28.71 4.35
N SER B 406 13.32 29.10 4.69
CA SER B 406 14.47 28.63 3.96
C SER B 406 14.67 27.15 4.16
N ALA B 407 14.37 26.66 5.36
CA ALA B 407 14.50 25.23 5.63
C ALA B 407 13.52 24.43 4.79
N ARG B 408 12.28 24.89 4.73
CA ARG B 408 11.29 24.24 3.89
C ARG B 408 11.65 24.33 2.40
N LEU B 409 12.30 25.41 2.00
CA LEU B 409 12.75 25.57 0.62
C LEU B 409 13.84 24.56 0.26
N ILE B 410 14.78 24.34 1.16
CA ILE B 410 15.80 23.32 0.96
C ILE B 410 15.17 21.93 0.97
N SER B 411 14.28 21.65 1.92
CA SER B 411 13.67 20.32 1.99
C SER B 411 12.81 20.03 0.73
N LYS B 412 12.26 21.08 0.14
CA LYS B 412 11.50 20.93 -1.05
C LYS B 412 12.33 20.14 -2.10
N TYR B 413 13.63 20.36 -2.15
CA TYR B 413 14.42 19.74 -3.19
C TYR B 413 14.97 18.36 -2.78
N ARG B 414 14.53 17.85 -1.63
CA ARG B 414 14.68 16.43 -1.30
C ARG B 414 16.16 15.97 -1.35
N PRO B 415 17.03 16.64 -0.59
CA PRO B 415 18.38 16.12 -0.40
C PRO B 415 18.34 14.75 0.28
N ASN B 416 19.41 13.97 0.13
CA ASN B 416 19.44 12.64 0.76
C ASN B 416 20.10 12.65 2.15
N CYS B 417 20.45 13.83 2.64
CA CYS B 417 21.08 13.98 3.97
C CYS B 417 20.23 14.85 4.91
N PRO B 418 20.58 14.88 6.22
CA PRO B 418 19.92 15.78 7.16
C PRO B 418 20.04 17.24 6.75
N ILE B 419 19.02 18.01 7.05
CA ILE B 419 19.07 19.46 6.89
C ILE B 419 19.04 20.05 8.29
N ILE B 420 20.19 20.49 8.80
CA ILE B 420 20.25 21.15 10.11
C ILE B 420 19.78 22.62 10.00
N CYS B 421 18.74 22.96 10.73
CA CYS B 421 18.23 24.32 10.70
C CYS B 421 18.52 25.02 12.03
N VAL B 422 19.30 26.10 11.98
CA VAL B 422 19.53 26.88 13.18
C VAL B 422 18.56 28.05 13.17
N THR B 423 17.67 28.08 14.15
CA THR B 423 16.61 29.06 14.16
C THR B 423 16.69 29.91 15.41
N THR B 424 16.06 31.08 15.37
CA THR B 424 15.94 31.93 16.54
C THR B 424 14.56 31.87 17.22
N ARG B 425 13.69 31.00 16.75
CA ARG B 425 12.38 30.86 17.35
C ARG B 425 12.09 29.42 17.76
N LEU B 426 11.70 29.22 19.01
CA LEU B 426 11.31 27.89 19.44
C LEU B 426 10.14 27.34 18.62
N GLN B 427 9.17 28.20 18.30
CA GLN B 427 8.01 27.78 17.55
C GLN B 427 8.43 27.24 16.16
N THR B 428 9.51 27.78 15.62
CA THR B 428 10.02 27.30 14.37
C THR B 428 10.62 25.88 14.47
N CYS B 429 11.36 25.63 15.54
CA CYS B 429 11.82 24.27 15.83
C CYS B 429 10.64 23.33 15.85
N ARG B 430 9.56 23.75 16.50
CA ARG B 430 8.39 22.89 16.59
C ARG B 430 7.67 22.70 15.25
N GLN B 431 7.62 23.75 14.44
CA GLN B 431 6.88 23.67 13.19
C GLN B 431 7.64 22.92 12.11
N LEU B 432 8.95 22.90 12.20
CA LEU B 432 9.72 22.24 11.19
C LEU B 432 9.66 20.71 11.33
N ASN B 433 9.00 20.26 12.40
CA ASN B 433 8.75 18.82 12.56
C ASN B 433 7.89 18.17 11.49
N VAL B 434 7.13 18.97 10.75
CA VAL B 434 6.41 18.37 9.65
C VAL B 434 7.15 18.47 8.32
N THR B 435 8.44 18.78 8.36
CA THR B 435 9.21 18.92 7.12
C THR B 435 10.36 17.90 6.99
N ARG B 436 10.27 17.09 5.94
CA ARG B 436 11.21 16.02 5.68
C ARG B 436 12.62 16.49 5.89
N SER B 437 13.40 15.70 6.67
CA SER B 437 14.89 15.83 6.73
C SER B 437 15.37 16.83 7.73
N VAL B 438 14.50 17.78 8.10
CA VAL B 438 14.94 18.89 8.93
C VAL B 438 15.16 18.50 10.39
N VAL B 439 16.28 18.97 10.95
CA VAL B 439 16.59 18.81 12.37
C VAL B 439 16.95 20.17 12.92
N SER B 440 16.19 20.65 13.91
CA SER B 440 16.29 22.04 14.37
C SER B 440 17.23 22.22 15.55
N VAL B 441 17.98 23.30 15.56
CA VAL B 441 18.70 23.73 16.74
C VAL B 441 18.36 25.16 17.06
N PHE B 442 18.18 25.44 18.35
CA PHE B 442 17.74 26.75 18.79
C PHE B 442 18.91 27.63 19.16
N TYR B 443 18.94 28.82 18.59
CA TYR B 443 19.93 29.79 18.95
C TYR B 443 19.25 30.88 19.70
N ASP B 444 19.73 31.15 20.91
CA ASP B 444 19.11 32.10 21.81
C ASP B 444 19.77 33.46 21.66
N ALA B 445 19.16 34.34 20.86
CA ALA B 445 19.74 35.69 20.62
C ALA B 445 19.72 36.56 21.87
N ALA B 446 18.61 36.52 22.62
CA ALA B 446 18.53 37.23 23.91
C ALA B 446 19.72 36.89 24.82
N LYS B 447 20.23 35.67 24.72
CA LYS B 447 21.29 35.25 25.60
C LYS B 447 22.68 35.26 24.99
N SER B 448 22.78 35.09 23.67
CA SER B 448 24.14 35.08 23.07
C SER B 448 24.41 36.22 22.11
N GLY B 449 23.38 37.03 21.84
CA GLY B 449 23.57 38.25 21.06
C GLY B 449 23.18 38.12 19.60
N GLU B 450 23.38 39.21 18.85
CA GLU B 450 22.62 39.49 17.63
C GLU B 450 23.02 38.57 16.45
N ASP B 451 24.31 38.24 16.39
CA ASP B 451 24.86 37.41 15.33
C ASP B 451 24.63 37.89 13.90
N LYS B 452 24.86 39.17 13.66
CA LYS B 452 24.76 39.75 12.33
C LYS B 452 25.58 39.03 11.26
N ASP B 453 26.75 38.52 11.63
CA ASP B 453 27.64 37.87 10.67
C ASP B 453 27.54 36.33 10.68
N LYS B 454 26.52 35.79 11.37
CA LYS B 454 26.11 34.38 11.26
C LYS B 454 27.04 33.41 11.93
N GLU B 455 28.21 33.86 12.31
CA GLU B 455 29.25 32.95 12.76
C GLU B 455 28.87 32.10 13.99
N LYS B 456 28.08 32.67 14.88
CA LYS B 456 27.73 31.94 16.11
C LYS B 456 26.67 30.90 15.82
N ARG B 457 25.74 31.24 14.96
CA ARG B 457 24.70 30.29 14.56
C ARG B 457 25.30 29.19 13.76
N VAL B 458 26.30 29.52 12.96
CA VAL B 458 26.94 28.50 12.13
C VAL B 458 27.77 27.57 12.96
N LYS B 459 28.53 28.13 13.87
CA LYS B 459 29.28 27.33 14.81
C LYS B 459 28.34 26.37 15.56
N LEU B 460 27.23 26.91 16.05
CA LEU B 460 26.28 26.12 16.82
C LEU B 460 25.79 24.93 15.98
N GLY B 461 25.57 25.17 14.69
CA GLY B 461 25.06 24.17 13.79
C GLY B 461 26.08 23.11 13.50
N LEU B 462 27.29 23.53 13.16
CA LEU B 462 28.39 22.57 12.98
C LEU B 462 28.72 21.80 14.24
N ASP B 463 28.49 22.38 15.41
CA ASP B 463 28.74 21.64 16.66
C ASP B 463 27.66 20.60 16.85
N PHE B 464 26.44 20.97 16.48
CA PHE B 464 25.33 20.06 16.56
C PHE B 464 25.55 18.89 15.58
N ALA B 465 26.07 19.20 14.40
CA ALA B 465 26.28 18.18 13.39
C ALA B 465 27.27 17.13 13.90
N LYS B 466 28.32 17.60 14.57
CA LYS B 466 29.34 16.73 15.18
C LYS B 466 28.78 15.89 16.33
N LYS B 467 28.04 16.54 17.22
CA LYS B 467 27.50 15.87 18.41
C LYS B 467 26.47 14.81 18.05
N GLU B 468 25.59 15.12 17.11
CA GLU B 468 24.52 14.18 16.75
C GLU B 468 25.02 13.08 15.83
N LYS B 469 26.29 13.15 15.46
CA LYS B 469 26.90 12.16 14.58
C LYS B 469 26.33 12.21 13.16
N TYR B 470 25.98 13.39 12.70
CA TYR B 470 25.61 13.55 11.30
C TYR B 470 26.83 13.58 10.42
N ALA B 471 27.88 14.24 10.90
CA ALA B 471 29.13 14.34 10.16
C ALA B 471 30.24 14.42 11.16
N SER B 472 31.47 14.16 10.71
CA SER B 472 32.64 14.45 11.53
C SER B 472 33.74 15.27 10.84
N THR B 473 34.74 15.59 11.63
CA THR B 473 35.92 16.30 11.18
C THR B 473 36.33 15.93 9.77
N GLY B 474 36.44 16.92 8.89
CA GLY B 474 36.93 16.70 7.51
C GLY B 474 35.88 16.32 6.48
N ASP B 475 34.63 16.21 6.94
CA ASP B 475 33.49 16.04 6.07
C ASP B 475 32.98 17.42 5.55
N VAL B 476 32.50 17.43 4.32
CA VAL B 476 31.91 18.63 3.72
C VAL B 476 30.46 18.82 4.17
N VAL B 477 30.14 20.02 4.65
CA VAL B 477 28.77 20.40 4.94
C VAL B 477 28.42 21.59 4.05
N VAL B 478 27.19 21.59 3.52
CA VAL B 478 26.73 22.67 2.67
C VAL B 478 25.98 23.68 3.53
N VAL B 479 26.45 24.93 3.56
CA VAL B 479 25.92 25.92 4.47
C VAL B 479 25.19 27.08 3.75
N VAL B 480 23.94 27.34 4.13
CA VAL B 480 23.11 28.31 3.45
C VAL B 480 22.63 29.39 4.41
N HIS B 481 22.97 30.64 4.11
CA HIS B 481 22.41 31.80 4.83
C HIS B 481 22.62 33.01 3.97
N ALA B 482 22.50 34.19 4.54
CA ALA B 482 22.80 35.42 3.79
C ALA B 482 24.27 35.81 3.92
N ASP B 483 24.76 36.64 2.99
CA ASP B 483 26.06 37.29 3.17
C ASP B 483 25.93 38.43 4.21
N HIS B 484 26.94 39.27 4.32
CA HIS B 484 26.95 40.26 5.40
C HIS B 484 25.95 41.36 5.29
N SER B 485 25.36 41.55 4.10
CA SER B 485 24.48 42.71 3.91
C SER B 485 23.03 42.43 3.51
N VAL B 486 22.77 41.28 2.89
CA VAL B 486 21.44 40.98 2.41
C VAL B 486 20.53 40.52 3.56
N LYS B 487 19.30 41.02 3.60
CA LYS B 487 18.37 40.78 4.73
C LYS B 487 17.07 40.15 4.24
N GLY B 488 16.55 39.18 4.98
CA GLY B 488 15.20 38.62 4.71
C GLY B 488 15.13 37.30 3.94
N TYR B 489 16.26 36.86 3.39
CA TYR B 489 16.33 35.53 2.72
C TYR B 489 17.81 35.21 2.54
N PRO B 490 18.14 33.93 2.30
CA PRO B 490 19.54 33.58 2.08
C PRO B 490 19.92 33.75 0.62
N ASN B 491 21.04 34.40 0.35
CA ASN B 491 21.50 34.56 -1.01
C ASN B 491 22.87 33.91 -1.19
N GLN B 492 23.29 33.09 -0.24
CA GLN B 492 24.66 32.56 -0.24
C GLN B 492 24.68 31.05 0.09
N THR B 493 25.54 30.30 -0.58
CA THR B 493 25.79 28.87 -0.22
C THR B 493 27.27 28.74 -0.07
N ARG B 494 27.72 27.97 0.91
CA ARG B 494 29.17 27.68 1.05
C ARG B 494 29.39 26.20 1.24
N LEU B 495 30.54 25.70 0.83
CA LEU B 495 30.95 24.36 1.24
C LEU B 495 32.05 24.46 2.24
N ILE B 496 31.82 23.85 3.38
CA ILE B 496 32.70 23.98 4.51
C ILE B 496 33.12 22.62 4.99
N TYR B 497 34.40 22.43 5.20
CA TYR B 497 34.85 21.25 5.91
C TYR B 497 34.68 21.42 7.41
N LEU B 498 34.10 20.42 8.07
CA LEU B 498 34.04 20.42 9.53
C LEU B 498 35.44 20.40 10.09
N PRO B 499 35.75 21.42 10.92
CA PRO B 499 37.09 21.59 11.54
C PRO B 499 37.41 20.46 12.53
#